data_8IQ4
#
_entry.id   8IQ4
#
_cell.length_a   1.00
_cell.length_b   1.00
_cell.length_c   1.00
_cell.angle_alpha   90.00
_cell.angle_beta   90.00
_cell.angle_gamma   90.00
#
_symmetry.space_group_name_H-M   'P 1'
#
loop_
_entity.id
_entity.type
_entity.pdbx_description
1 polymer 'Prostaglandin F2-alpha receptor'
2 polymer 'Guanine nucleotide-binding protein G(s) subunit alpha isoforms short'
3 polymer 'Guanine nucleotide-binding protein G(I)/G(S)/G(T) subunit beta-1'
4 polymer 'Guanine nucleotide-binding protein G(I)/G(S)/G(O) subunit gamma-2'
5 polymer 'Nanobody 35'
6 non-polymer 'Z-7-[(1R,2R,3R,5S)-2-[(E,3S)-3-methyl-3-oxidanyl-oct-1-enyl]-3,5-bis(oxidanyl)cyclopentyl]hept-5-enoic acid'
#
loop_
_entity_poly.entity_id
_entity_poly.type
_entity_poly.pdbx_seq_one_letter_code
_entity_poly.pdbx_strand_id
1 'polypeptide(L)'
;DYKDDDDAMSMNNSKQLVSPAAALLSNTTCQTENRLSVFFSVIFMTVGILSNSLAIAILMKAYQRFRQKSKASFLLLASG
LVITDFFGHLINGAIAVFVYASDKEWIRFDQSNVLCSIFGICMVFSGLCPLLLGSVMAIERCIGVTKPIFHSTKITSKHV
KMMLSGVCLFAVFIALLPILGHRDYKIQASRTWCFYNTEDIKDWEDRFYLLLFSFLGLLALGVSLLCNAITGITLLRVKF
KSQQHRQGRSHHLEMVIQLLAIMCVSCICWSPFLVTMANIGINGNHSLETCETTLFALRMATWNQILDPWVYILLRKAVL
KNLYKLASQCCGVHVISLHIWELSSIKNSLKVAAISESPVAEKSASTHHHHHHGGSGGLEVLFQ
;
R
2 'polypeptide(L)'
;GPTLSAEDKAAVERSKMIEKQLQKDKQVYRATHRLLLLGADNSGKSTIVKQMRILHGGSGGSGGTSGIFETKFQVDKVNF
HMFDVGGQRDERRKWIQCFNDVTAIIFVVDSSDYNRLQEALNDFKSIWNNRWLRTISVILFLNKQDLLAEKVLAGKSKIE
DYFPEFARYTTPEDATPEPGEDPRVTRAKYFIRDEFLRISTASGDGRHYCYPHFTCAVDTENARRIFNDCKDIILQMNLR
EYNLV
;
A
3 'polypeptide(L)'
;MHHHHHHLEVLFQGPGSSGSELDQLRQEAEQLKNQIRDARKACADATLSQITNNIDPVGRIQMRTRRTLRGHLAKIYAMH
WGTDSRLLVSASQDGKLIIWDSYTTNKVHAIPLRSSWVMTCAYAPSGNYVACGGLDNICSIYNLKTREGNVRVSRELAGH
TGYLSCCRFLDDNQIVTSSGDTTCALWDIETGQQTTTFTGHTGDVMSLSLAPDTRLFVSGACDASAKLWDVREGMCRQTF
TGHESDINAICFFPNGNAFATGSDDATCRLFDLRADQELMTYSHDNIICGITSVSFSKSGRLLLAGYDDFNCNVWDALKA
DRAGVLAGHDNRVSCLGVTDDGMAVATGSWDSFLKIWN
;
B
4 'polypeptide(L)' MASNNTASIAQARKLVEQLKMEANIDRIKVSKAAADLMAYCEAHAKEDPLLTPVPASENPFREKKFFCAIL G
5 'polypeptide(L)'
;QVQLQESGGGLVQPGGSLRLSCAASGFTFSNYKMNWVRQAPGKGLEWVSDISQSGASISYTGSVKGRFTISRDNAKNTLY
LQMNSLKPEDTAVYYCARCPAPFTPFCFDVTSTTYAYRGQGTQVTVSSHHHHHH
;
N
#
loop_
_chem_comp.id
_chem_comp.type
_chem_comp.name
_chem_comp.formula
87Q non-polymer 'Z-7-[(1R,2R,3R,5S)-2-[(E,3S)-3-methyl-3-oxidanyl-oct-1-enyl]-3,5-bis(oxidanyl)cyclopentyl]hept-5-enoic acid' 'C21 H36 O5'
#
# COMPACT_ATOMS: atom_id res chain seq x y z
N ARG A 35 -45.52 -12.45 34.44
CA ARG A 35 -44.07 -12.49 34.47
C ARG A 35 -43.49 -11.92 33.17
N LEU A 36 -44.15 -10.91 32.63
CA LEU A 36 -43.70 -10.21 31.43
C LEU A 36 -43.50 -8.74 31.75
N SER A 37 -42.42 -8.16 31.21
CA SER A 37 -42.12 -6.76 31.47
C SER A 37 -41.40 -6.17 30.27
N VAL A 38 -41.47 -4.85 30.15
CA VAL A 38 -40.78 -4.14 29.09
C VAL A 38 -39.27 -4.19 29.25
N PHE A 39 -38.78 -4.59 30.43
CA PHE A 39 -37.34 -4.62 30.65
C PHE A 39 -36.65 -5.54 29.65
N PHE A 40 -37.12 -6.79 29.56
CA PHE A 40 -36.57 -7.74 28.58
C PHE A 40 -36.30 -7.07 27.24
N SER A 41 -37.32 -6.39 26.70
CA SER A 41 -37.17 -5.69 25.44
C SER A 41 -36.12 -4.58 25.53
N VAL A 42 -36.09 -3.84 26.64
CA VAL A 42 -35.18 -2.71 26.75
C VAL A 42 -33.72 -3.18 26.76
N ILE A 43 -33.41 -4.18 27.59
CA ILE A 43 -32.06 -4.72 27.64
C ILE A 43 -31.67 -5.35 26.30
N PHE A 44 -32.58 -6.10 25.69
CA PHE A 44 -32.26 -6.69 24.39
C PHE A 44 -31.95 -5.60 23.36
N MET A 45 -32.77 -4.56 23.31
CA MET A 45 -32.52 -3.42 22.44
C MET A 45 -31.13 -2.85 22.68
N THR A 46 -30.81 -2.53 23.93
CA THR A 46 -29.56 -1.84 24.23
C THR A 46 -28.37 -2.70 23.84
N VAL A 47 -28.39 -3.98 24.21
CA VAL A 47 -27.25 -4.85 23.94
C VAL A 47 -27.07 -5.02 22.43
N GLY A 48 -28.17 -5.27 21.71
CA GLY A 48 -28.07 -5.45 20.27
C GLY A 48 -27.56 -4.21 19.56
N ILE A 49 -28.10 -3.04 19.92
CA ILE A 49 -27.68 -1.81 19.27
C ILE A 49 -26.21 -1.52 19.54
N LEU A 50 -25.78 -1.67 20.79
CA LEU A 50 -24.38 -1.39 21.11
C LEU A 50 -23.43 -2.33 20.38
N SER A 51 -23.75 -3.63 20.40
CA SER A 51 -22.89 -4.60 19.72
C SER A 51 -22.83 -4.32 18.22
N ASN A 52 -23.97 -4.03 17.60
CA ASN A 52 -23.99 -3.81 16.16
C ASN A 52 -23.30 -2.51 15.78
N SER A 53 -23.39 -1.47 16.62
CA SER A 53 -22.68 -0.22 16.32
C SER A 53 -21.17 -0.42 16.42
N LEU A 54 -20.70 -1.14 17.45
CA LEU A 54 -19.28 -1.44 17.54
C LEU A 54 -18.81 -2.23 16.32
N ALA A 55 -19.60 -3.23 15.93
CA ALA A 55 -19.27 -4.02 14.75
C ALA A 55 -19.23 -3.15 13.50
N ILE A 56 -20.16 -2.20 13.38
CA ILE A 56 -20.20 -1.32 12.20
C ILE A 56 -18.93 -0.49 12.12
N ALA A 57 -18.50 0.09 13.24
CA ALA A 57 -17.29 0.91 13.22
C ALA A 57 -16.06 0.07 12.84
N ILE A 58 -15.91 -1.07 13.51
CA ILE A 58 -14.78 -1.95 13.21
C ILE A 58 -14.81 -2.39 11.75
N LEU A 59 -16.00 -2.68 11.24
CA LEU A 59 -16.15 -3.15 9.87
C LEU A 59 -15.82 -2.07 8.86
N MET A 60 -16.18 -0.81 9.16
CA MET A 60 -15.82 0.27 8.25
C MET A 60 -14.31 0.41 8.15
N LYS A 61 -13.62 0.44 9.31
CA LYS A 61 -12.17 0.57 9.27
C LYS A 61 -11.53 -0.60 8.53
N ALA A 62 -11.93 -1.83 8.89
CA ALA A 62 -11.37 -3.01 8.24
C ALA A 62 -11.71 -3.05 6.76
N TYR A 63 -12.87 -2.52 6.38
CA TYR A 63 -13.25 -2.54 4.98
C TYR A 63 -12.37 -1.61 4.17
N GLN A 64 -12.09 -0.42 4.68
CA GLN A 64 -11.11 0.43 3.99
C GLN A 64 -9.77 -0.28 3.83
N ARG A 65 -9.25 -0.81 4.95
CA ARG A 65 -7.92 -1.40 4.94
C ARG A 65 -7.82 -2.57 3.97
N PHE A 66 -8.78 -3.50 4.04
CA PHE A 66 -8.77 -4.67 3.16
C PHE A 66 -9.30 -4.38 1.78
N ARG A 67 -9.97 -3.24 1.59
CA ARG A 67 -10.46 -2.85 0.27
C ARG A 67 -9.33 -2.32 -0.59
N GLN A 68 -8.33 -1.67 0.00
CA GLN A 68 -7.15 -1.43 -0.83
C GLN A 68 -6.21 -2.61 -0.85
N LYS A 69 -6.73 -3.83 -0.98
CA LYS A 69 -5.96 -5.02 -1.32
C LYS A 69 -6.66 -5.96 -2.30
N SER A 70 -7.98 -6.04 -2.26
CA SER A 70 -8.80 -6.94 -3.09
C SER A 70 -10.25 -6.58 -2.80
N LYS A 71 -11.19 -7.36 -3.35
CA LYS A 71 -12.59 -7.19 -3.00
C LYS A 71 -12.85 -7.83 -1.65
N ALA A 72 -13.42 -7.06 -0.73
CA ALA A 72 -13.72 -7.54 0.62
C ALA A 72 -15.18 -7.98 0.68
N SER A 73 -15.44 -9.11 0.02
CA SER A 73 -16.81 -9.62 -0.07
C SER A 73 -17.35 -10.02 1.30
N PHE A 74 -16.51 -10.67 2.12
CA PHE A 74 -16.95 -11.04 3.46
C PHE A 74 -17.23 -9.81 4.30
N LEU A 75 -16.38 -8.79 4.17
CA LEU A 75 -16.60 -7.56 4.93
C LEU A 75 -17.88 -6.85 4.49
N LEU A 76 -18.16 -6.85 3.19
CA LEU A 76 -19.40 -6.24 2.71
C LEU A 76 -20.63 -7.00 3.21
N LEU A 77 -20.58 -8.33 3.17
CA LEU A 77 -21.70 -9.12 3.66
C LEU A 77 -21.88 -8.92 5.17
N ALA A 78 -20.79 -8.87 5.92
CA ALA A 78 -20.88 -8.65 7.36
C ALA A 78 -21.43 -7.27 7.67
N SER A 79 -21.05 -6.26 6.88
CA SER A 79 -21.59 -4.92 7.05
C SER A 79 -23.09 -4.92 6.83
N GLY A 80 -23.55 -5.56 5.75
CA GLY A 80 -24.98 -5.68 5.52
C GLY A 80 -25.69 -6.38 6.66
N LEU A 81 -25.10 -7.46 7.17
CA LEU A 81 -25.72 -8.21 8.26
C LEU A 81 -25.85 -7.37 9.52
N VAL A 82 -24.78 -6.66 9.90
CA VAL A 82 -24.84 -5.87 11.13
C VAL A 82 -25.77 -4.68 10.97
N ILE A 83 -25.80 -4.07 9.79
CA ILE A 83 -26.73 -2.96 9.55
C ILE A 83 -28.17 -3.44 9.68
N THR A 84 -28.48 -4.59 9.06
CA THR A 84 -29.82 -5.14 9.16
C THR A 84 -30.19 -5.48 10.60
N ASP A 85 -29.24 -6.08 11.34
CA ASP A 85 -29.51 -6.41 12.74
C ASP A 85 -29.77 -5.17 13.56
N PHE A 86 -28.97 -4.12 13.37
CA PHE A 86 -29.15 -2.87 14.11
C PHE A 86 -30.51 -2.25 13.81
N PHE A 87 -30.87 -2.18 12.54
CA PHE A 87 -32.15 -1.57 12.17
C PHE A 87 -33.33 -2.36 12.71
N GLY A 88 -33.26 -3.70 12.59
CA GLY A 88 -34.34 -4.52 13.12
C GLY A 88 -34.48 -4.39 14.62
N HIS A 89 -33.36 -4.44 15.35
CA HIS A 89 -33.37 -4.22 16.78
C HIS A 89 -34.04 -2.89 17.12
N LEU A 90 -33.58 -1.81 16.48
CA LEU A 90 -34.12 -0.49 16.79
C LEU A 90 -35.63 -0.43 16.54
N ILE A 91 -36.07 -0.81 15.35
CA ILE A 91 -37.47 -0.62 15.00
C ILE A 91 -38.37 -1.51 15.85
N ASN A 92 -38.03 -2.80 15.94
CA ASN A 92 -38.89 -3.72 16.68
C ASN A 92 -38.91 -3.41 18.17
N GLY A 93 -37.76 -3.05 18.75
CA GLY A 93 -37.75 -2.67 20.14
C GLY A 93 -38.52 -1.39 20.41
N ALA A 94 -38.43 -0.42 19.50
CA ALA A 94 -39.20 0.81 19.67
C ALA A 94 -40.70 0.51 19.66
N ILE A 95 -41.15 -0.31 18.71
CA ILE A 95 -42.58 -0.63 18.64
C ILE A 95 -43.01 -1.42 19.87
N ALA A 96 -42.17 -2.37 20.32
CA ALA A 96 -42.52 -3.15 21.51
C ALA A 96 -42.59 -2.28 22.76
N VAL A 97 -41.66 -1.33 22.91
CA VAL A 97 -41.68 -0.44 24.07
C VAL A 97 -42.90 0.46 24.02
N PHE A 98 -43.25 0.95 22.82
CA PHE A 98 -44.47 1.76 22.70
C PHE A 98 -45.71 0.95 23.06
N VAL A 99 -45.77 -0.30 22.64
CA VAL A 99 -46.90 -1.16 22.98
C VAL A 99 -46.97 -1.38 24.48
N TYR A 100 -45.82 -1.66 25.11
CA TYR A 100 -45.80 -1.91 26.55
C TYR A 100 -46.21 -0.67 27.33
N ALA A 101 -45.74 0.51 26.92
CA ALA A 101 -46.04 1.74 27.64
C ALA A 101 -47.50 2.14 27.54
N SER A 102 -48.21 1.65 26.52
CA SER A 102 -49.63 1.94 26.36
C SER A 102 -50.53 1.04 27.21
N ASP A 103 -49.95 0.35 28.19
CA ASP A 103 -50.71 -0.53 29.09
C ASP A 103 -51.45 -1.61 28.31
N LYS A 104 -50.81 -2.14 27.27
CA LYS A 104 -51.35 -3.21 26.43
C LYS A 104 -52.67 -2.82 25.76
N GLU A 105 -52.97 -1.52 25.68
CA GLU A 105 -54.24 -1.05 25.13
C GLU A 105 -54.16 -1.07 23.60
N TRP A 106 -54.18 -2.28 23.05
CA TRP A 106 -54.09 -2.46 21.61
C TRP A 106 -55.33 -1.96 20.88
N ILE A 107 -56.40 -1.64 21.60
CA ILE A 107 -57.65 -1.26 20.96
C ILE A 107 -57.59 0.19 20.49
N ARG A 108 -57.43 1.13 21.42
CA ARG A 108 -57.54 2.55 21.10
C ARG A 108 -56.20 3.19 20.76
N PHE A 109 -55.41 2.54 19.92
CA PHE A 109 -54.34 3.24 19.19
C PHE A 109 -54.18 2.79 17.75
N ASP A 110 -54.81 1.70 17.31
CA ASP A 110 -54.75 1.21 15.94
C ASP A 110 -56.15 0.86 15.50
N GLN A 111 -56.86 1.85 14.92
CA GLN A 111 -58.23 1.63 14.49
C GLN A 111 -58.29 0.67 13.31
N SER A 112 -57.39 0.83 12.34
CA SER A 112 -57.36 -0.01 11.15
C SER A 112 -56.33 -1.12 11.23
N ASN A 113 -55.72 -1.32 12.41
CA ASN A 113 -54.69 -2.35 12.62
C ASN A 113 -53.49 -2.15 11.69
N VAL A 114 -53.23 -0.90 11.30
CA VAL A 114 -52.07 -0.61 10.47
C VAL A 114 -50.79 -0.82 11.26
N LEU A 115 -50.79 -0.45 12.54
CA LEU A 115 -49.60 -0.63 13.37
C LEU A 115 -49.26 -2.11 13.53
N CYS A 116 -50.28 -2.96 13.70
CA CYS A 116 -50.01 -4.39 13.82
C CYS A 116 -49.43 -4.95 12.52
N SER A 117 -49.94 -4.51 11.38
CA SER A 117 -49.39 -4.97 10.10
C SER A 117 -47.95 -4.53 9.93
N ILE A 118 -47.65 -3.28 10.28
CA ILE A 118 -46.28 -2.77 10.17
C ILE A 118 -45.35 -3.54 11.09
N PHE A 119 -45.80 -3.79 12.33
CA PHE A 119 -44.98 -4.51 13.30
C PHE A 119 -44.74 -5.95 12.84
N GLY A 120 -45.76 -6.60 12.27
CA GLY A 120 -45.57 -7.94 11.75
C GLY A 120 -44.61 -7.98 10.58
N ILE A 121 -44.71 -6.99 9.68
CA ILE A 121 -43.78 -6.92 8.55
C ILE A 121 -42.35 -6.75 9.06
N CYS A 122 -42.15 -5.85 10.02
CA CYS A 122 -40.82 -5.65 10.57
C CYS A 122 -40.30 -6.89 11.26
N MET A 123 -41.16 -7.59 12.00
CA MET A 123 -40.75 -8.82 12.67
C MET A 123 -40.32 -9.89 11.67
N VAL A 124 -41.13 -10.09 10.63
CA VAL A 124 -40.81 -11.12 9.64
C VAL A 124 -39.51 -10.78 8.91
N PHE A 125 -39.35 -9.51 8.52
CA PHE A 125 -38.12 -9.10 7.83
C PHE A 125 -36.90 -9.29 8.73
N SER A 126 -36.98 -8.83 9.98
CA SER A 126 -35.85 -8.91 10.90
C SER A 126 -35.58 -10.34 11.35
N GLY A 127 -36.53 -11.26 11.17
CA GLY A 127 -36.25 -12.65 11.42
C GLY A 127 -35.62 -13.34 10.23
N LEU A 128 -36.15 -13.06 9.03
CA LEU A 128 -35.68 -13.76 7.84
C LEU A 128 -34.32 -13.27 7.36
N CYS A 129 -34.08 -11.96 7.42
CA CYS A 129 -32.86 -11.42 6.82
C CYS A 129 -31.58 -11.98 7.43
N PRO A 130 -31.42 -12.07 8.77
CA PRO A 130 -30.18 -12.66 9.30
C PRO A 130 -29.93 -14.09 8.86
N LEU A 131 -30.98 -14.91 8.74
CA LEU A 131 -30.78 -16.31 8.35
C LEU A 131 -30.27 -16.42 6.93
N LEU A 132 -30.94 -15.74 5.99
CA LEU A 132 -30.51 -15.76 4.60
C LEU A 132 -29.12 -15.16 4.45
N LEU A 133 -28.86 -14.06 5.16
CA LEU A 133 -27.54 -13.44 5.09
C LEU A 133 -26.45 -14.38 5.60
N GLY A 134 -26.70 -15.05 6.73
CA GLY A 134 -25.71 -15.98 7.25
C GLY A 134 -25.45 -17.14 6.31
N SER A 135 -26.51 -17.67 5.70
CA SER A 135 -26.32 -18.72 4.70
C SER A 135 -25.51 -18.22 3.52
N VAL A 136 -25.74 -16.98 3.10
CA VAL A 136 -25.00 -16.42 1.97
C VAL A 136 -23.52 -16.27 2.31
N MET A 137 -23.21 -15.76 3.51
CA MET A 137 -21.80 -15.66 3.89
C MET A 137 -21.16 -17.04 4.04
N ALA A 138 -21.92 -18.02 4.52
CA ALA A 138 -21.38 -19.38 4.58
C ALA A 138 -21.02 -19.89 3.20
N ILE A 139 -21.90 -19.68 2.22
CA ILE A 139 -21.62 -20.12 0.86
C ILE A 139 -20.39 -19.39 0.30
N GLU A 140 -20.33 -18.08 0.53
CA GLU A 140 -19.22 -17.29 -0.01
C GLU A 140 -17.89 -17.72 0.59
N ARG A 141 -17.85 -17.96 1.90
CA ARG A 141 -16.60 -18.40 2.53
C ARG A 141 -16.22 -19.81 2.10
N CYS A 142 -17.22 -20.68 1.92
CA CYS A 142 -16.92 -22.03 1.42
C CYS A 142 -16.29 -21.96 0.04
N ILE A 143 -16.84 -21.11 -0.84
CA ILE A 143 -16.26 -20.97 -2.18
C ILE A 143 -14.85 -20.37 -2.09
N GLY A 144 -14.67 -19.35 -1.26
CA GLY A 144 -13.38 -18.70 -1.15
C GLY A 144 -12.30 -19.55 -0.50
N VAL A 145 -12.70 -20.57 0.27
CA VAL A 145 -11.72 -21.47 0.87
C VAL A 145 -11.44 -22.68 -0.03
N THR A 146 -12.49 -23.36 -0.50
CA THR A 146 -12.30 -24.55 -1.30
C THR A 146 -11.77 -24.22 -2.70
N LYS A 147 -12.22 -23.10 -3.27
CA LYS A 147 -11.85 -22.69 -4.63
C LYS A 147 -11.40 -21.24 -4.58
N PRO A 148 -10.18 -20.98 -4.09
CA PRO A 148 -9.77 -19.57 -3.94
C PRO A 148 -9.45 -18.88 -5.27
N ILE A 149 -8.86 -19.59 -6.23
CA ILE A 149 -8.54 -18.97 -7.51
C ILE A 149 -9.81 -18.56 -8.25
N PHE A 150 -10.79 -19.46 -8.31
CA PHE A 150 -12.07 -19.13 -8.94
C PHE A 150 -12.76 -17.99 -8.19
N HIS A 151 -12.73 -18.03 -6.86
CA HIS A 151 -13.36 -16.98 -6.07
C HIS A 151 -12.72 -15.61 -6.35
N SER A 152 -11.40 -15.58 -6.52
CA SER A 152 -10.72 -14.31 -6.76
C SER A 152 -10.88 -13.82 -8.19
N THR A 153 -10.96 -14.73 -9.17
CA THR A 153 -10.90 -14.31 -10.57
C THR A 153 -12.25 -14.27 -11.26
N LYS A 154 -13.30 -14.87 -10.71
CA LYS A 154 -14.54 -14.99 -11.48
C LYS A 154 -15.78 -14.73 -10.64
N ILE A 155 -15.71 -13.84 -9.65
CA ILE A 155 -16.86 -13.49 -8.83
C ILE A 155 -17.11 -11.98 -8.84
N THR A 156 -16.06 -11.18 -8.64
CA THR A 156 -16.12 -9.71 -8.62
C THR A 156 -17.01 -9.19 -7.49
N SER A 157 -17.00 -7.87 -7.30
CA SER A 157 -17.75 -7.25 -6.21
C SER A 157 -19.15 -6.83 -6.62
N LYS A 158 -19.38 -6.61 -7.91
CA LYS A 158 -20.73 -6.30 -8.37
C LYS A 158 -21.68 -7.46 -8.07
N HIS A 159 -21.21 -8.70 -8.25
CA HIS A 159 -22.02 -9.85 -7.92
C HIS A 159 -22.34 -9.89 -6.43
N VAL A 160 -21.37 -9.55 -5.58
CA VAL A 160 -21.58 -9.56 -4.14
C VAL A 160 -22.65 -8.53 -3.75
N LYS A 161 -22.53 -7.33 -4.30
CA LYS A 161 -23.52 -6.29 -4.00
C LYS A 161 -24.89 -6.69 -4.52
N MET A 162 -24.96 -7.28 -5.73
CA MET A 162 -26.23 -7.71 -6.29
C MET A 162 -26.87 -8.79 -5.43
N MET A 163 -26.08 -9.75 -4.94
CA MET A 163 -26.67 -10.82 -4.13
C MET A 163 -27.09 -10.31 -2.76
N LEU A 164 -26.35 -9.36 -2.19
CA LEU A 164 -26.79 -8.77 -0.92
C LEU A 164 -28.12 -8.03 -1.10
N SER A 165 -28.22 -7.22 -2.14
CA SER A 165 -29.46 -6.51 -2.42
C SER A 165 -30.60 -7.48 -2.71
N GLY A 166 -30.31 -8.55 -3.44
CA GLY A 166 -31.34 -9.53 -3.73
C GLY A 166 -31.83 -10.27 -2.50
N VAL A 167 -30.92 -10.60 -1.58
CA VAL A 167 -31.32 -11.24 -0.33
C VAL A 167 -32.23 -10.31 0.47
N CYS A 168 -31.83 -9.04 0.58
CA CYS A 168 -32.67 -8.09 1.31
C CYS A 168 -34.03 -7.93 0.65
N LEU A 169 -34.07 -7.85 -0.68
CA LEU A 169 -35.33 -7.69 -1.39
C LEU A 169 -36.22 -8.93 -1.26
N PHE A 170 -35.62 -10.11 -1.28
CA PHE A 170 -36.39 -11.34 -1.08
C PHE A 170 -36.97 -11.39 0.33
N ALA A 171 -36.20 -11.00 1.34
CA ALA A 171 -36.75 -10.94 2.69
C ALA A 171 -37.91 -9.95 2.77
N VAL A 172 -37.76 -8.79 2.14
CA VAL A 172 -38.83 -7.80 2.12
C VAL A 172 -40.08 -8.36 1.44
N PHE A 173 -39.89 -9.04 0.32
CA PHE A 173 -41.03 -9.57 -0.43
C PHE A 173 -41.76 -10.65 0.38
N ILE A 174 -41.01 -11.53 1.03
CA ILE A 174 -41.66 -12.56 1.84
C ILE A 174 -42.39 -11.92 3.02
N ALA A 175 -41.82 -10.88 3.62
CA ALA A 175 -42.51 -10.18 4.70
C ALA A 175 -43.81 -9.54 4.21
N LEU A 176 -43.78 -8.92 3.02
CA LEU A 176 -44.94 -8.21 2.49
C LEU A 176 -45.97 -9.12 1.86
N LEU A 177 -45.62 -10.37 1.54
CA LEU A 177 -46.51 -11.24 0.79
C LEU A 177 -47.89 -11.42 1.41
N PRO A 178 -48.04 -11.66 2.73
CA PRO A 178 -49.40 -11.71 3.28
C PRO A 178 -50.18 -10.43 3.08
N ILE A 179 -49.52 -9.28 3.17
CA ILE A 179 -50.20 -8.01 2.92
C ILE A 179 -50.52 -7.87 1.43
N LEU A 180 -49.59 -8.27 0.57
CA LEU A 180 -49.84 -8.24 -0.86
C LEU A 180 -50.95 -9.19 -1.26
N GLY A 181 -51.29 -10.16 -0.41
CA GLY A 181 -52.41 -11.03 -0.66
C GLY A 181 -53.70 -10.48 -0.08
N HIS A 182 -54.30 -11.20 0.86
CA HIS A 182 -55.53 -10.74 1.48
C HIS A 182 -55.45 -10.69 3.00
N ARG A 183 -54.72 -11.61 3.62
CA ARG A 183 -54.68 -11.69 5.07
C ARG A 183 -53.84 -10.55 5.65
N ASP A 184 -53.91 -10.43 6.98
CA ASP A 184 -53.15 -9.43 7.72
C ASP A 184 -52.59 -10.07 8.98
N TYR A 185 -51.50 -9.49 9.48
CA TYR A 185 -50.87 -10.00 10.68
C TYR A 185 -51.75 -9.79 11.90
N LYS A 186 -51.82 -10.80 12.76
CA LYS A 186 -52.65 -10.78 13.94
C LYS A 186 -51.80 -10.48 15.18
N ILE A 187 -52.47 -10.32 16.32
CA ILE A 187 -51.81 -10.07 17.59
C ILE A 187 -51.64 -11.40 18.31
N GLN A 188 -50.43 -11.65 18.81
CA GLN A 188 -50.11 -12.94 19.41
C GLN A 188 -50.70 -13.04 20.80
N ALA A 189 -50.63 -14.25 21.36
CA ALA A 189 -51.28 -14.54 22.64
C ALA A 189 -50.73 -13.70 23.77
N SER A 190 -49.43 -13.39 23.72
CA SER A 190 -48.82 -12.54 24.75
C SER A 190 -49.29 -11.10 24.67
N ARG A 191 -49.98 -10.72 23.59
CA ARG A 191 -50.53 -9.38 23.42
C ARG A 191 -49.44 -8.31 23.45
N THR A 192 -48.24 -8.65 22.94
CA THR A 192 -47.13 -7.71 22.92
C THR A 192 -46.37 -7.69 21.60
N TRP A 193 -46.77 -8.50 20.61
CA TRP A 193 -46.13 -8.49 19.31
C TRP A 193 -47.11 -9.00 18.28
N CYS A 194 -46.85 -8.66 17.02
CA CYS A 194 -47.69 -9.06 15.89
C CYS A 194 -46.90 -10.01 15.00
N PHE A 195 -47.55 -11.09 14.61
CA PHE A 195 -46.94 -12.11 13.75
C PHE A 195 -48.05 -12.75 12.92
N TYR A 196 -47.77 -13.91 12.35
CA TYR A 196 -48.78 -14.63 11.60
C TYR A 196 -49.93 -15.05 12.51
N ASN A 197 -51.03 -15.49 11.89
CA ASN A 197 -52.18 -15.97 12.64
C ASN A 197 -51.89 -17.39 13.12
N THR A 198 -51.68 -17.53 14.43
CA THR A 198 -51.31 -18.81 15.02
C THR A 198 -52.37 -19.35 15.98
N GLU A 199 -52.85 -18.51 16.90
CA GLU A 199 -53.82 -18.97 17.89
C GLU A 199 -55.23 -18.96 17.33
N ASP A 200 -55.44 -19.62 16.18
CA ASP A 200 -56.74 -19.70 15.56
C ASP A 200 -56.71 -20.80 14.51
N ILE A 201 -57.83 -21.52 14.39
CA ILE A 201 -57.96 -22.57 13.36
C ILE A 201 -58.49 -21.87 12.12
N LYS A 202 -57.57 -21.29 11.35
CA LYS A 202 -57.91 -20.53 10.17
C LYS A 202 -57.91 -21.44 8.95
N ASP A 203 -57.98 -20.84 7.76
CA ASP A 203 -57.95 -21.60 6.51
C ASP A 203 -56.52 -22.04 6.22
N TRP A 204 -56.30 -22.58 5.02
CA TRP A 204 -54.98 -23.08 4.66
C TRP A 204 -53.96 -21.97 4.49
N GLU A 205 -54.40 -20.71 4.40
CA GLU A 205 -53.48 -19.61 4.17
C GLU A 205 -52.52 -19.42 5.35
N ASP A 206 -53.05 -19.44 6.57
CA ASP A 206 -52.21 -19.25 7.75
C ASP A 206 -51.21 -20.39 7.91
N ARG A 207 -51.67 -21.63 7.71
CA ARG A 207 -50.76 -22.77 7.77
C ARG A 207 -49.70 -22.68 6.69
N PHE A 208 -50.07 -22.24 5.49
CA PHE A 208 -49.10 -22.08 4.41
C PHE A 208 -48.07 -21.03 4.76
N TYR A 209 -48.50 -19.91 5.33
CA TYR A 209 -47.55 -18.86 5.69
C TYR A 209 -46.58 -19.33 6.76
N LEU A 210 -47.11 -20.01 7.79
CA LEU A 210 -46.24 -20.54 8.84
C LEU A 210 -45.26 -21.56 8.29
N LEU A 211 -45.74 -22.46 7.41
CA LEU A 211 -44.86 -23.45 6.81
C LEU A 211 -43.80 -22.80 5.94
N LEU A 212 -44.16 -21.76 5.21
CA LEU A 212 -43.18 -21.06 4.37
C LEU A 212 -42.09 -20.42 5.22
N PHE A 213 -42.48 -19.73 6.29
CA PHE A 213 -41.49 -19.11 7.16
C PHE A 213 -40.58 -20.16 7.79
N SER A 214 -41.17 -21.24 8.31
CA SER A 214 -40.39 -22.29 8.95
C SER A 214 -39.45 -22.98 7.97
N PHE A 215 -39.95 -23.28 6.77
CA PHE A 215 -39.13 -23.95 5.76
C PHE A 215 -37.97 -23.05 5.31
N LEU A 216 -38.23 -21.76 5.11
CA LEU A 216 -37.15 -20.86 4.73
C LEU A 216 -36.09 -20.77 5.83
N GLY A 217 -36.51 -20.64 7.09
CA GLY A 217 -35.55 -20.59 8.18
C GLY A 217 -34.73 -21.87 8.30
N LEU A 218 -35.39 -23.02 8.20
CA LEU A 218 -34.68 -24.28 8.35
C LEU A 218 -33.76 -24.55 7.16
N LEU A 219 -34.17 -24.13 5.96
CA LEU A 219 -33.30 -24.26 4.80
C LEU A 219 -32.06 -23.39 4.94
N ALA A 220 -32.23 -22.16 5.44
CA ALA A 220 -31.08 -21.31 5.69
C ALA A 220 -30.14 -21.93 6.73
N LEU A 221 -30.71 -22.48 7.81
CA LEU A 221 -29.90 -23.12 8.83
C LEU A 221 -29.13 -24.31 8.25
N GLY A 222 -29.80 -25.14 7.45
CA GLY A 222 -29.13 -26.30 6.88
C GLY A 222 -28.04 -25.93 5.90
N VAL A 223 -28.30 -24.93 5.04
CA VAL A 223 -27.28 -24.49 4.10
C VAL A 223 -26.07 -23.94 4.84
N SER A 224 -26.30 -23.11 5.86
CA SER A 224 -25.20 -22.56 6.63
C SER A 224 -24.40 -23.67 7.32
N LEU A 225 -25.09 -24.65 7.91
CA LEU A 225 -24.42 -25.76 8.56
C LEU A 225 -23.55 -26.52 7.58
N LEU A 226 -24.12 -26.88 6.42
CA LEU A 226 -23.39 -27.67 5.44
C LEU A 226 -22.16 -26.93 4.95
N CYS A 227 -22.31 -25.66 4.60
CA CYS A 227 -21.19 -24.91 4.06
C CYS A 227 -20.10 -24.70 5.11
N ASN A 228 -20.49 -24.37 6.35
CA ASN A 228 -19.50 -24.18 7.40
C ASN A 228 -18.78 -25.48 7.72
N ALA A 229 -19.51 -26.61 7.73
CA ALA A 229 -18.87 -27.90 7.97
C ALA A 229 -17.89 -28.24 6.87
N ILE A 230 -18.25 -27.98 5.61
CA ILE A 230 -17.34 -28.25 4.51
C ILE A 230 -16.07 -27.40 4.64
N THR A 231 -16.24 -26.11 4.96
CA THR A 231 -15.09 -25.24 5.12
C THR A 231 -14.19 -25.71 6.25
N GLY A 232 -14.79 -26.09 7.39
CA GLY A 232 -13.99 -26.55 8.52
C GLY A 232 -13.26 -27.86 8.22
N ILE A 233 -13.93 -28.78 7.52
CA ILE A 233 -13.30 -30.03 7.14
C ILE A 233 -12.13 -29.78 6.20
N THR A 234 -12.31 -28.87 5.23
CA THR A 234 -11.24 -28.56 4.31
C THR A 234 -10.05 -27.93 5.03
N LEU A 235 -10.32 -27.02 5.97
CA LEU A 235 -9.23 -26.37 6.69
C LEU A 235 -8.50 -27.34 7.62
N LEU A 236 -9.23 -28.26 8.26
CA LEU A 236 -8.60 -29.21 9.17
C LEU A 236 -7.72 -30.19 8.41
N ARG A 237 -8.23 -30.74 7.31
CA ARG A 237 -7.47 -31.70 6.53
C ARG A 237 -6.43 -31.00 5.66
N HIS A 251 -3.80 -19.18 10.67
CA HIS A 251 -5.15 -18.63 10.62
C HIS A 251 -6.19 -19.74 10.50
N HIS A 252 -5.71 -20.99 10.40
CA HIS A 252 -6.62 -22.11 10.24
C HIS A 252 -7.40 -22.40 11.52
N LEU A 253 -6.71 -22.41 12.66
CA LEU A 253 -7.36 -22.75 13.92
C LEU A 253 -8.41 -21.72 14.30
N GLU A 254 -8.10 -20.43 14.14
CA GLU A 254 -9.07 -19.38 14.45
C GLU A 254 -10.27 -19.45 13.53
N MET A 255 -10.04 -19.73 12.25
CA MET A 255 -11.14 -19.87 11.30
C MET A 255 -12.04 -21.03 11.68
N VAL A 256 -11.45 -22.17 12.05
CA VAL A 256 -12.24 -23.33 12.46
C VAL A 256 -13.04 -23.01 13.72
N ILE A 257 -12.41 -22.33 14.68
CA ILE A 257 -13.08 -22.00 15.93
C ILE A 257 -14.27 -21.09 15.67
N GLN A 258 -14.09 -20.07 14.83
CA GLN A 258 -15.20 -19.15 14.57
C GLN A 258 -16.29 -19.83 13.77
N LEU A 259 -15.94 -20.74 12.87
CA LEU A 259 -16.97 -21.49 12.16
C LEU A 259 -17.80 -22.35 13.12
N LEU A 260 -17.12 -23.02 14.05
CA LEU A 260 -17.84 -23.84 15.03
C LEU A 260 -18.75 -22.98 15.89
N ALA A 261 -18.25 -21.82 16.34
CA ALA A 261 -19.08 -20.94 17.17
C ALA A 261 -20.29 -20.44 16.39
N ILE A 262 -20.09 -20.06 15.12
CA ILE A 262 -21.21 -19.60 14.30
C ILE A 262 -22.26 -20.69 14.19
N MET A 263 -21.85 -21.91 13.86
CA MET A 263 -22.80 -23.01 13.71
C MET A 263 -23.57 -23.24 14.99
N CYS A 264 -22.86 -23.37 16.11
CA CYS A 264 -23.53 -23.69 17.38
C CYS A 264 -24.49 -22.59 17.78
N VAL A 265 -24.04 -21.33 17.73
CA VAL A 265 -24.90 -20.22 18.15
C VAL A 265 -26.13 -20.14 17.28
N SER A 266 -25.95 -20.19 15.95
CA SER A 266 -27.08 -20.07 15.04
C SER A 266 -28.09 -21.18 15.27
N CYS A 267 -27.62 -22.43 15.31
CA CYS A 267 -28.54 -23.56 15.48
C CYS A 267 -29.28 -23.48 16.80
N ILE A 268 -28.54 -23.28 17.90
CA ILE A 268 -29.17 -23.29 19.23
C ILE A 268 -30.19 -22.16 19.34
N CYS A 269 -29.84 -20.97 18.86
CA CYS A 269 -30.70 -19.82 19.07
C CYS A 269 -31.81 -19.67 18.03
N TRP A 270 -31.79 -20.42 16.93
CA TRP A 270 -32.86 -20.32 15.95
C TRP A 270 -33.67 -21.58 15.75
N SER A 271 -33.27 -22.71 16.31
CA SER A 271 -34.02 -23.93 16.05
C SER A 271 -35.34 -24.02 16.84
N PRO A 272 -35.39 -23.66 18.13
CA PRO A 272 -36.68 -23.76 18.84
C PRO A 272 -37.80 -22.98 18.18
N PHE A 273 -37.53 -21.76 17.70
CA PHE A 273 -38.60 -20.95 17.13
C PHE A 273 -39.10 -21.53 15.81
N LEU A 274 -38.18 -21.95 14.95
CA LEU A 274 -38.59 -22.54 13.68
C LEU A 274 -39.34 -23.86 13.90
N VAL A 275 -38.87 -24.67 14.85
CA VAL A 275 -39.55 -25.93 15.14
C VAL A 275 -40.95 -25.67 15.68
N THR A 276 -41.08 -24.70 16.59
CA THR A 276 -42.40 -24.37 17.13
C THR A 276 -43.34 -23.86 16.05
N MET A 277 -42.84 -22.99 15.16
CA MET A 277 -43.68 -22.48 14.08
C MET A 277 -44.10 -23.59 13.13
N ALA A 278 -43.19 -24.50 12.80
CA ALA A 278 -43.53 -25.62 11.93
C ALA A 278 -44.55 -26.53 12.59
N ASN A 279 -44.40 -26.78 13.89
CA ASN A 279 -45.36 -27.62 14.61
C ASN A 279 -46.74 -26.98 14.61
N ILE A 280 -46.80 -25.66 14.85
CA ILE A 280 -48.09 -24.97 14.84
C ILE A 280 -48.71 -25.01 13.45
N GLY A 281 -47.90 -24.79 12.41
CA GLY A 281 -48.43 -24.78 11.06
C GLY A 281 -48.93 -26.14 10.59
N ILE A 282 -48.18 -27.20 10.91
CA ILE A 282 -48.58 -28.53 10.48
C ILE A 282 -49.89 -28.94 11.14
N ASN A 283 -50.01 -28.69 12.43
CA ASN A 283 -51.23 -28.96 13.17
C ASN A 283 -52.14 -27.73 13.08
N GLY A 284 -53.19 -27.71 13.90
CA GLY A 284 -54.08 -26.55 13.96
C GLY A 284 -54.11 -25.97 15.36
N ASN A 285 -52.97 -26.05 16.06
CA ASN A 285 -52.77 -25.64 17.45
C ASN A 285 -53.55 -26.50 18.42
N HIS A 286 -54.33 -27.48 17.95
CA HIS A 286 -54.97 -28.42 18.85
C HIS A 286 -53.95 -29.28 19.57
N SER A 287 -52.91 -29.71 18.86
CA SER A 287 -51.79 -30.43 19.44
C SER A 287 -50.54 -29.59 19.18
N LEU A 288 -50.28 -28.64 20.07
CA LEU A 288 -49.15 -27.72 19.93
C LEU A 288 -48.84 -27.15 21.30
N GLU A 289 -47.98 -26.12 21.33
CA GLU A 289 -47.56 -25.48 22.56
C GLU A 289 -48.39 -24.23 22.82
N THR A 290 -48.00 -23.45 23.83
CA THR A 290 -48.72 -22.23 24.19
C THR A 290 -47.77 -21.05 24.19
N CYS A 291 -48.24 -19.90 24.68
CA CYS A 291 -47.42 -18.70 24.71
C CYS A 291 -46.24 -18.81 25.65
N GLU A 292 -46.24 -19.79 26.55
CA GLU A 292 -45.13 -19.93 27.49
C GLU A 292 -43.82 -20.26 26.77
N THR A 293 -43.88 -21.14 25.78
CA THR A 293 -42.68 -21.56 25.06
C THR A 293 -42.43 -20.74 23.80
N THR A 294 -43.49 -20.22 23.17
CA THR A 294 -43.29 -19.38 21.99
C THR A 294 -42.52 -18.12 22.34
N LEU A 295 -42.81 -17.52 23.49
CA LEU A 295 -42.06 -16.36 23.94
C LEU A 295 -40.60 -16.72 24.20
N PHE A 296 -40.35 -17.89 24.79
CA PHE A 296 -38.98 -18.32 25.03
C PHE A 296 -38.22 -18.49 23.72
N ALA A 297 -38.87 -19.10 22.72
CA ALA A 297 -38.24 -19.27 21.42
C ALA A 297 -37.95 -17.92 20.76
N LEU A 298 -38.89 -16.98 20.88
CA LEU A 298 -38.68 -15.64 20.32
C LEU A 298 -37.51 -14.95 21.01
N ARG A 299 -37.39 -15.12 22.33
CA ARG A 299 -36.25 -14.56 23.06
C ARG A 299 -34.94 -15.17 22.57
N MET A 300 -34.94 -16.48 22.32
CA MET A 300 -33.72 -17.12 21.82
C MET A 300 -33.34 -16.58 20.44
N ALA A 301 -34.33 -16.37 19.57
CA ALA A 301 -34.04 -15.79 18.26
C ALA A 301 -33.47 -14.36 18.40
N THR A 302 -34.07 -13.58 19.30
CA THR A 302 -33.54 -12.24 19.59
C THR A 302 -32.08 -12.33 20.03
N TRP A 303 -31.76 -13.32 20.85
CA TRP A 303 -30.38 -13.48 21.30
C TRP A 303 -29.45 -13.90 20.17
N ASN A 304 -29.96 -14.67 19.21
CA ASN A 304 -29.17 -14.95 18.01
C ASN A 304 -28.81 -13.66 17.29
N GLN A 305 -29.80 -12.79 17.08
CA GLN A 305 -29.52 -11.52 16.42
C GLN A 305 -28.58 -10.64 17.24
N ILE A 306 -28.62 -10.80 18.57
CA ILE A 306 -27.69 -10.06 19.43
C ILE A 306 -26.27 -10.58 19.28
N LEU A 307 -26.11 -11.91 19.25
CA LEU A 307 -24.78 -12.53 19.25
C LEU A 307 -24.14 -12.62 17.88
N ASP A 308 -24.88 -12.32 16.81
CA ASP A 308 -24.28 -12.33 15.47
C ASP A 308 -23.02 -11.49 15.35
N PRO A 309 -22.99 -10.20 15.73
CA PRO A 309 -21.74 -9.43 15.56
C PRO A 309 -20.56 -9.98 16.34
N TRP A 310 -20.82 -10.59 17.50
CA TRP A 310 -19.72 -11.10 18.31
C TRP A 310 -19.09 -12.33 17.68
N VAL A 311 -19.91 -13.28 17.23
CA VAL A 311 -19.37 -14.49 16.62
C VAL A 311 -18.89 -14.23 15.21
N TYR A 312 -19.23 -13.08 14.62
CA TYR A 312 -18.80 -12.79 13.25
C TYR A 312 -17.61 -11.85 13.17
N ILE A 313 -17.60 -10.77 13.97
CA ILE A 313 -16.60 -9.72 13.86
C ILE A 313 -15.80 -9.55 15.15
N LEU A 314 -16.51 -9.39 16.27
CA LEU A 314 -15.91 -8.83 17.47
C LEU A 314 -15.04 -9.81 18.26
N LEU A 315 -15.11 -11.11 17.97
CA LEU A 315 -14.38 -12.10 18.75
C LEU A 315 -13.04 -12.49 18.12
N ARG A 316 -12.61 -11.80 17.06
CA ARG A 316 -11.32 -12.08 16.47
C ARG A 316 -10.20 -11.55 17.34
N LYS A 317 -9.03 -12.19 17.24
CA LYS A 317 -7.90 -11.81 18.08
C LYS A 317 -7.47 -10.37 17.82
N ALA A 318 -7.41 -9.98 16.54
CA ALA A 318 -7.04 -8.61 16.21
C ALA A 318 -8.08 -7.62 16.71
N VAL A 319 -9.35 -7.95 16.60
CA VAL A 319 -10.41 -7.05 17.04
C VAL A 319 -10.40 -6.91 18.56
N LEU A 320 -10.19 -8.02 19.27
CA LEU A 320 -10.18 -7.98 20.74
C LEU A 320 -8.97 -7.22 21.28
N LYS A 321 -7.94 -7.03 20.47
CA LYS A 321 -6.75 -6.31 20.93
C LYS A 321 -6.98 -4.81 20.92
N LYS B 9 -26.07 18.04 -20.18
CA LYS B 9 -24.64 18.30 -20.14
C LYS B 9 -23.86 17.12 -20.72
N ALA B 10 -23.04 17.39 -21.75
CA ALA B 10 -22.27 16.33 -22.38
C ALA B 10 -21.09 15.88 -21.54
N ALA B 11 -20.61 16.72 -20.63
CA ALA B 11 -19.49 16.33 -19.77
C ALA B 11 -19.87 15.15 -18.90
N VAL B 12 -21.10 15.15 -18.35
CA VAL B 12 -21.54 14.02 -17.53
C VAL B 12 -21.67 12.76 -18.37
N GLU B 13 -22.12 12.90 -19.62
CA GLU B 13 -22.22 11.74 -20.51
C GLU B 13 -20.84 11.15 -20.78
N ARG B 14 -19.86 12.01 -21.06
CA ARG B 14 -18.49 11.54 -21.30
C ARG B 14 -17.92 10.87 -20.05
N SER B 15 -18.18 11.46 -18.87
CA SER B 15 -17.71 10.85 -17.63
C SER B 15 -18.35 9.49 -17.40
N LYS B 16 -19.64 9.36 -17.69
CA LYS B 16 -20.31 8.07 -17.52
C LYS B 16 -19.75 7.02 -18.47
N MET B 17 -19.49 7.40 -19.73
CA MET B 17 -18.88 6.46 -20.67
C MET B 17 -17.50 6.04 -20.19
N ILE B 18 -16.70 7.00 -19.69
CA ILE B 18 -15.38 6.67 -19.18
C ILE B 18 -15.48 5.73 -17.99
N GLU B 19 -16.47 5.94 -17.11
CA GLU B 19 -16.63 5.09 -15.94
C GLU B 19 -17.05 3.68 -16.34
N LYS B 20 -17.90 3.54 -17.36
CA LYS B 20 -18.26 2.21 -17.84
C LYS B 20 -17.04 1.48 -18.40
N GLN B 21 -16.24 2.19 -19.20
CA GLN B 21 -15.00 1.59 -19.70
C GLN B 21 -14.07 1.20 -18.56
N LEU B 22 -14.00 2.04 -17.52
CA LEU B 22 -13.17 1.75 -16.36
C LEU B 22 -13.66 0.51 -15.62
N GLN B 23 -14.97 0.31 -15.55
CA GLN B 23 -15.49 -0.92 -14.94
C GLN B 23 -15.08 -2.15 -15.75
N LYS B 24 -15.18 -2.06 -17.08
CA LYS B 24 -14.73 -3.17 -17.91
C LYS B 24 -13.25 -3.47 -17.68
N ASP B 25 -12.42 -2.43 -17.69
CA ASP B 25 -11.00 -2.63 -17.43
C ASP B 25 -10.74 -3.12 -16.01
N LYS B 26 -11.62 -2.77 -15.06
CA LYS B 26 -11.48 -3.30 -13.71
C LYS B 26 -11.67 -4.80 -13.69
N GLN B 27 -12.69 -5.29 -14.41
CA GLN B 27 -12.90 -6.73 -14.52
C GLN B 27 -11.67 -7.40 -15.15
N VAL B 28 -11.18 -6.83 -16.26
CA VAL B 28 -10.03 -7.42 -16.93
C VAL B 28 -8.80 -7.41 -16.02
N TYR B 29 -8.58 -6.32 -15.30
CA TYR B 29 -7.44 -6.18 -14.41
C TYR B 29 -7.49 -7.18 -13.26
N ARG B 30 -8.67 -7.35 -12.66
CA ARG B 30 -8.78 -8.27 -11.54
C ARG B 30 -8.75 -9.73 -11.98
N ALA B 31 -9.05 -10.01 -13.24
CA ALA B 31 -9.02 -11.39 -13.73
C ALA B 31 -7.62 -11.87 -14.13
N THR B 32 -6.56 -11.18 -13.72
CA THR B 32 -5.20 -11.52 -14.14
C THR B 32 -4.27 -11.51 -12.94
N HIS B 33 -3.31 -12.43 -12.94
CA HIS B 33 -2.32 -12.56 -11.87
C HIS B 33 -0.94 -12.22 -12.41
N ARG B 34 -0.25 -11.31 -11.71
CA ARG B 34 1.04 -10.79 -12.14
C ARG B 34 2.16 -11.31 -11.25
N LEU B 35 3.28 -11.66 -11.86
CA LEU B 35 4.41 -12.25 -11.15
C LEU B 35 5.68 -11.48 -11.47
N LEU B 36 6.58 -11.38 -10.50
CA LEU B 36 7.87 -10.74 -10.70
C LEU B 36 8.98 -11.79 -10.68
N LEU B 37 9.72 -11.89 -11.77
CA LEU B 37 10.79 -12.88 -11.90
C LEU B 37 12.12 -12.25 -11.52
N LEU B 38 12.79 -12.83 -10.53
CA LEU B 38 14.06 -12.33 -10.03
C LEU B 38 15.09 -13.44 -9.99
N GLY B 39 16.34 -13.05 -10.09
CA GLY B 39 17.46 -13.97 -10.06
C GLY B 39 18.63 -13.40 -10.83
N ALA B 40 19.82 -13.94 -10.53
CA ALA B 40 21.03 -13.47 -11.17
C ALA B 40 21.14 -13.99 -12.60
N ASP B 41 22.03 -13.36 -13.37
CA ASP B 41 22.29 -13.81 -14.73
C ASP B 41 22.91 -15.20 -14.77
N ASN B 42 23.49 -15.65 -13.66
CA ASN B 42 24.05 -17.00 -13.60
C ASN B 42 22.93 -18.02 -13.74
N SER B 43 21.82 -17.81 -13.03
CA SER B 43 20.73 -18.78 -13.00
C SER B 43 20.01 -18.83 -14.35
N GLY B 44 19.22 -19.89 -14.53
CA GLY B 44 18.46 -20.06 -15.75
C GLY B 44 17.05 -19.52 -15.66
N LYS B 45 16.93 -18.20 -15.48
CA LYS B 45 15.61 -17.58 -15.36
C LYS B 45 14.79 -17.75 -16.65
N SER B 46 15.44 -17.57 -17.80
CA SER B 46 14.72 -17.61 -19.07
C SER B 46 14.15 -19.00 -19.33
N THR B 47 14.89 -20.05 -19.00
CA THR B 47 14.44 -21.40 -19.25
C THR B 47 13.23 -21.77 -18.42
N ILE B 48 13.04 -21.11 -17.28
CA ILE B 48 11.92 -21.40 -16.39
C ILE B 48 10.60 -21.12 -17.08
N ILE B 68 12.23 -4.75 -20.36
CA ILE B 68 11.30 -5.61 -19.63
C ILE B 68 10.78 -6.71 -20.56
N PHE B 69 10.97 -7.95 -20.13
CA PHE B 69 10.43 -9.11 -20.85
C PHE B 69 9.12 -9.54 -20.20
N GLU B 70 8.13 -9.82 -21.02
CA GLU B 70 6.81 -10.21 -20.54
C GLU B 70 6.48 -11.59 -21.07
N THR B 71 6.15 -12.50 -20.15
CA THR B 71 5.73 -13.86 -20.51
C THR B 71 4.31 -14.08 -20.01
N LYS B 72 3.41 -14.40 -20.93
CA LYS B 72 2.02 -14.67 -20.59
C LYS B 72 1.73 -16.14 -20.82
N PHE B 73 1.22 -16.82 -19.80
CA PHE B 73 0.85 -18.22 -19.94
C PHE B 73 -0.49 -18.47 -19.26
N GLN B 74 -1.03 -19.67 -19.48
CA GLN B 74 -2.33 -20.04 -18.96
C GLN B 74 -2.26 -21.40 -18.31
N VAL B 75 -2.82 -21.51 -17.10
CA VAL B 75 -2.96 -22.78 -16.41
C VAL B 75 -4.41 -22.89 -15.95
N ASP B 76 -5.11 -23.93 -16.41
CA ASP B 76 -6.50 -24.18 -16.06
C ASP B 76 -7.37 -22.95 -16.33
N LYS B 77 -7.17 -22.36 -17.51
CA LYS B 77 -7.90 -21.17 -17.93
C LYS B 77 -7.67 -20.00 -16.97
N VAL B 78 -6.49 -19.93 -16.38
CA VAL B 78 -6.08 -18.82 -15.53
C VAL B 78 -4.86 -18.16 -16.16
N ASN B 79 -4.91 -16.84 -16.26
CA ASN B 79 -3.87 -16.07 -16.95
C ASN B 79 -2.79 -15.62 -15.97
N PHE B 80 -1.54 -15.88 -16.32
CA PHE B 80 -0.39 -15.44 -15.54
C PHE B 80 0.50 -14.58 -16.41
N HIS B 81 0.91 -13.43 -15.87
CA HIS B 81 1.77 -12.48 -16.56
C HIS B 81 3.02 -12.27 -15.71
N MET B 82 4.16 -12.72 -16.22
CA MET B 82 5.43 -12.66 -15.52
C MET B 82 6.33 -11.61 -16.18
N PHE B 83 6.89 -10.73 -15.36
CA PHE B 83 7.74 -9.64 -15.83
C PHE B 83 9.17 -9.85 -15.36
N ASP B 84 10.11 -9.73 -16.30
CA ASP B 84 11.54 -9.79 -16.01
C ASP B 84 12.15 -8.45 -16.37
N VAL B 85 12.54 -7.69 -15.35
CA VAL B 85 13.05 -6.33 -15.54
C VAL B 85 14.57 -6.42 -15.62
N GLY B 86 15.13 -6.13 -16.79
CA GLY B 86 16.56 -6.18 -16.98
C GLY B 86 17.09 -5.03 -17.81
N GLY B 87 16.36 -3.93 -17.86
CA GLY B 87 16.77 -2.77 -18.63
C GLY B 87 17.35 -1.62 -17.84
N GLN B 88 17.60 -1.79 -16.54
CA GLN B 88 18.15 -0.72 -15.70
C GLN B 88 19.50 -1.15 -15.13
N ARG B 89 20.03 -0.31 -14.24
CA ARG B 89 21.31 -0.55 -13.60
C ARG B 89 21.12 -1.48 -12.41
N ASP B 90 22.23 -1.81 -11.74
CA ASP B 90 22.18 -2.72 -10.61
C ASP B 90 21.66 -2.07 -9.33
N GLU B 91 21.51 -0.75 -9.31
CA GLU B 91 20.82 -0.07 -8.21
C GLU B 91 19.33 -0.26 -8.42
N ARG B 92 18.69 -1.03 -7.53
CA ARG B 92 17.30 -1.43 -7.74
C ARG B 92 16.43 -1.20 -6.51
N ARG B 93 16.86 -0.35 -5.59
CA ARG B 93 16.08 -0.08 -4.39
C ARG B 93 14.92 0.88 -4.64
N LYS B 94 14.83 1.46 -5.83
CA LYS B 94 13.79 2.44 -6.15
C LYS B 94 12.74 1.91 -7.12
N TRP B 95 13.14 1.18 -8.15
CA TRP B 95 12.15 0.63 -9.08
C TRP B 95 11.55 -0.68 -8.61
N ILE B 96 12.08 -1.28 -7.54
CA ILE B 96 11.46 -2.48 -6.99
C ILE B 96 10.11 -2.15 -6.37
N GLN B 97 9.96 -0.93 -5.84
CA GLN B 97 8.71 -0.52 -5.21
C GLN B 97 7.55 -0.52 -6.19
N CYS B 98 7.82 -0.55 -7.49
CA CYS B 98 6.77 -0.64 -8.49
C CYS B 98 6.02 -1.97 -8.43
N PHE B 99 6.56 -2.97 -7.73
CA PHE B 99 5.96 -4.30 -7.68
C PHE B 99 5.42 -4.62 -6.30
N ASN B 100 4.78 -3.63 -5.67
CA ASN B 100 4.23 -3.82 -4.32
C ASN B 100 3.06 -4.79 -4.34
N ASP B 101 2.17 -4.69 -5.32
CA ASP B 101 0.98 -5.53 -5.39
C ASP B 101 1.13 -6.68 -6.38
N VAL B 102 2.35 -7.18 -6.56
CA VAL B 102 2.54 -8.35 -7.40
C VAL B 102 2.06 -9.58 -6.64
N THR B 103 1.49 -10.54 -7.39
CA THR B 103 0.94 -11.73 -6.74
C THR B 103 2.04 -12.56 -6.08
N ALA B 104 3.17 -12.75 -6.77
CA ALA B 104 4.25 -13.53 -6.22
C ALA B 104 5.57 -13.09 -6.84
N ILE B 105 6.65 -13.41 -6.14
CA ILE B 105 8.01 -13.21 -6.65
C ILE B 105 8.61 -14.59 -6.89
N ILE B 106 8.90 -14.89 -8.15
CA ILE B 106 9.57 -16.14 -8.51
C ILE B 106 11.07 -15.86 -8.48
N PHE B 107 11.74 -16.41 -7.46
CA PHE B 107 13.16 -16.20 -7.25
C PHE B 107 13.91 -17.45 -7.69
N VAL B 108 14.74 -17.33 -8.73
CA VAL B 108 15.47 -18.45 -9.29
C VAL B 108 16.90 -18.41 -8.79
N VAL B 109 17.41 -19.56 -8.33
CA VAL B 109 18.75 -19.66 -7.75
C VAL B 109 19.47 -20.82 -8.42
N ASP B 110 20.72 -20.57 -8.84
CA ASP B 110 21.59 -21.64 -9.31
C ASP B 110 22.24 -22.31 -8.09
N SER B 111 21.73 -23.49 -7.74
CA SER B 111 22.31 -24.25 -6.64
C SER B 111 23.61 -24.94 -7.01
N SER B 112 23.92 -25.02 -8.31
CA SER B 112 25.14 -25.70 -8.74
C SER B 112 26.39 -24.92 -8.34
N ASP B 113 26.35 -23.60 -8.47
CA ASP B 113 27.51 -22.75 -8.22
C ASP B 113 27.55 -22.38 -6.74
N TYR B 114 28.53 -22.91 -6.01
CA TYR B 114 28.70 -22.57 -4.61
C TYR B 114 29.36 -21.20 -4.42
N ASN B 115 30.09 -20.72 -5.42
CA ASN B 115 30.79 -19.44 -5.28
C ASN B 115 29.80 -18.29 -5.11
N ARG B 116 28.72 -18.29 -5.88
CA ARG B 116 27.72 -17.23 -5.85
C ARG B 116 26.50 -17.59 -5.03
N LEU B 117 26.56 -18.68 -4.25
CA LEU B 117 25.41 -19.08 -3.44
C LEU B 117 25.13 -18.08 -2.33
N GLN B 118 26.18 -17.54 -1.70
CA GLN B 118 25.99 -16.54 -0.66
C GLN B 118 25.42 -15.25 -1.22
N GLU B 119 25.80 -14.89 -2.45
CA GLU B 119 25.19 -13.73 -3.10
C GLU B 119 23.69 -13.94 -3.29
N ALA B 120 23.29 -15.15 -3.71
CA ALA B 120 21.88 -15.45 -3.86
C ALA B 120 21.16 -15.42 -2.52
N LEU B 121 21.82 -15.91 -1.46
CA LEU B 121 21.23 -15.85 -0.13
C LEU B 121 21.01 -14.41 0.32
N ASN B 122 22.00 -13.55 0.09
CA ASN B 122 21.85 -12.14 0.46
C ASN B 122 20.76 -11.46 -0.36
N ASP B 123 20.68 -11.79 -1.65
CA ASP B 123 19.62 -11.26 -2.49
C ASP B 123 18.25 -11.67 -1.97
N PHE B 124 18.10 -12.94 -1.62
CA PHE B 124 16.83 -13.43 -1.07
C PHE B 124 16.50 -12.74 0.24
N LYS B 125 17.49 -12.56 1.11
CA LYS B 125 17.25 -11.90 2.39
C LYS B 125 16.79 -10.46 2.19
N SER B 126 17.45 -9.73 1.28
CA SER B 126 17.06 -8.34 1.01
C SER B 126 15.65 -8.27 0.43
N ILE B 127 15.33 -9.18 -0.49
CA ILE B 127 13.97 -9.20 -1.06
C ILE B 127 12.95 -9.53 0.02
N TRP B 128 13.26 -10.48 0.89
CA TRP B 128 12.32 -10.92 1.92
C TRP B 128 12.06 -9.84 2.94
N ASN B 129 13.09 -9.13 3.39
CA ASN B 129 12.95 -8.19 4.48
C ASN B 129 12.63 -6.76 4.03
N ASN B 130 12.43 -6.53 2.73
CA ASN B 130 12.11 -5.20 2.26
C ASN B 130 10.78 -4.72 2.85
N ARG B 131 10.70 -3.43 3.14
CA ARG B 131 9.50 -2.87 3.75
C ARG B 131 8.31 -2.92 2.80
N TRP B 132 8.54 -2.68 1.51
CA TRP B 132 7.48 -2.66 0.52
C TRP B 132 7.22 -4.01 -0.12
N LEU B 133 8.01 -5.04 0.22
CA LEU B 133 7.79 -6.39 -0.26
C LEU B 133 7.56 -7.37 0.89
N ARG B 134 7.15 -6.87 2.05
CA ARG B 134 6.96 -7.70 3.23
C ARG B 134 5.61 -8.41 3.25
N THR B 135 4.76 -8.17 2.26
CA THR B 135 3.48 -8.86 2.15
C THR B 135 3.40 -9.72 0.89
N ILE B 136 4.52 -9.97 0.23
CA ILE B 136 4.56 -10.71 -1.03
C ILE B 136 5.21 -12.06 -0.77
N SER B 137 4.58 -13.12 -1.27
CA SER B 137 5.11 -14.46 -1.14
C SER B 137 6.10 -14.75 -2.27
N VAL B 138 7.03 -15.65 -1.98
CA VAL B 138 8.13 -15.97 -2.88
C VAL B 138 8.05 -17.44 -3.25
N ILE B 139 7.97 -17.72 -4.54
CA ILE B 139 8.16 -19.06 -5.06
C ILE B 139 9.64 -19.21 -5.38
N LEU B 140 10.34 -20.03 -4.60
CA LEU B 140 11.78 -20.19 -4.73
C LEU B 140 12.09 -21.41 -5.58
N PHE B 141 12.76 -21.20 -6.70
CA PHE B 141 13.15 -22.27 -7.60
C PHE B 141 14.65 -22.50 -7.45
N LEU B 142 15.04 -23.74 -7.17
CA LEU B 142 16.44 -24.12 -7.07
C LEU B 142 16.81 -24.84 -8.37
N ASN B 143 17.16 -24.04 -9.37
CA ASN B 143 17.34 -24.52 -10.72
C ASN B 143 18.64 -25.32 -10.86
N LYS B 144 18.77 -25.96 -12.02
CA LYS B 144 19.99 -26.69 -12.40
C LYS B 144 20.36 -27.74 -11.35
N GLN B 145 19.38 -28.53 -10.94
CA GLN B 145 19.63 -29.58 -9.97
C GLN B 145 20.41 -30.75 -10.56
N ASP B 146 20.42 -30.89 -11.89
CA ASP B 146 21.25 -31.91 -12.52
C ASP B 146 22.73 -31.58 -12.38
N LEU B 147 23.10 -30.31 -12.60
CA LEU B 147 24.49 -29.90 -12.45
C LEU B 147 24.95 -30.06 -11.01
N LEU B 148 24.09 -29.74 -10.04
CA LEU B 148 24.45 -29.94 -8.64
C LEU B 148 24.68 -31.41 -8.34
N ALA B 149 23.81 -32.29 -8.85
CA ALA B 149 23.98 -33.72 -8.62
C ALA B 149 25.28 -34.22 -9.24
N GLU B 150 25.60 -33.77 -10.45
CA GLU B 150 26.85 -34.17 -11.08
C GLU B 150 28.06 -33.67 -10.30
N LYS B 151 27.99 -32.43 -9.81
CA LYS B 151 29.13 -31.84 -9.09
C LYS B 151 29.34 -32.51 -7.74
N VAL B 152 28.24 -32.90 -7.07
CA VAL B 152 28.37 -33.57 -5.78
C VAL B 152 29.08 -34.90 -5.93
N LEU B 153 28.73 -35.66 -6.97
CA LEU B 153 29.37 -36.95 -7.23
C LEU B 153 30.78 -36.71 -7.74
N ALA B 154 31.76 -36.88 -6.86
CA ALA B 154 33.18 -36.66 -7.17
C ALA B 154 33.43 -35.24 -7.67
N TYR B 162 32.93 -23.50 1.47
CA TYR B 162 32.05 -22.36 1.31
C TYR B 162 31.09 -22.22 2.48
N PHE B 163 30.52 -23.35 2.90
CA PHE B 163 29.56 -23.40 4.00
C PHE B 163 30.03 -24.42 5.01
N PRO B 164 30.83 -23.99 6.00
CA PRO B 164 31.35 -24.95 6.99
C PRO B 164 30.27 -25.61 7.83
N GLU B 165 29.08 -25.04 7.91
CA GLU B 165 27.99 -25.65 8.66
C GLU B 165 27.43 -26.89 7.98
N PHE B 166 27.81 -27.15 6.73
CA PHE B 166 27.32 -28.34 6.03
C PHE B 166 27.82 -29.63 6.68
N ALA B 167 29.02 -29.60 7.27
CA ALA B 167 29.55 -30.79 7.91
C ALA B 167 28.68 -31.21 9.09
N ARG B 168 28.22 -30.25 9.89
CA ARG B 168 27.33 -30.53 11.01
C ARG B 168 25.87 -30.36 10.59
N TYR B 169 25.50 -31.10 9.54
CA TYR B 169 24.15 -31.05 9.00
C TYR B 169 23.67 -32.47 8.74
N THR B 170 22.39 -32.72 9.03
CA THR B 170 21.75 -33.99 8.75
C THR B 170 20.50 -33.75 7.92
N THR B 171 20.28 -34.62 6.95
CA THR B 171 19.13 -34.46 6.06
C THR B 171 17.83 -34.60 6.86
N PRO B 172 16.81 -33.81 6.56
CA PRO B 172 15.55 -33.92 7.29
C PRO B 172 14.78 -35.19 6.95
N GLU B 173 13.64 -35.39 7.60
CA GLU B 173 12.75 -36.51 7.27
C GLU B 173 11.80 -36.15 6.13
N ASP B 174 12.37 -35.66 5.04
CA ASP B 174 11.61 -35.23 3.87
C ASP B 174 11.70 -36.29 2.78
N ALA B 175 11.18 -35.96 1.60
CA ALA B 175 11.20 -36.88 0.48
C ALA B 175 12.59 -36.93 -0.14
N THR B 176 12.72 -37.68 -1.24
CA THR B 176 13.99 -37.80 -1.95
C THR B 176 13.79 -37.55 -3.45
N ARG B 187 21.21 -34.60 0.06
CA ARG B 187 21.62 -33.92 1.28
C ARG B 187 22.05 -32.48 1.00
N ALA B 188 22.85 -32.30 -0.05
CA ALA B 188 23.30 -30.96 -0.42
C ALA B 188 22.14 -30.07 -0.84
N LYS B 189 21.25 -30.61 -1.68
CA LYS B 189 20.10 -29.82 -2.14
C LYS B 189 19.20 -29.42 -0.98
N TYR B 190 18.96 -30.35 -0.05
CA TYR B 190 18.16 -30.02 1.11
C TYR B 190 18.91 -29.09 2.06
N PHE B 191 20.23 -29.17 2.09
CA PHE B 191 21.00 -28.20 2.87
C PHE B 191 20.81 -26.79 2.33
N ILE B 192 20.88 -26.62 1.01
CA ILE B 192 20.66 -25.30 0.41
C ILE B 192 19.23 -24.83 0.64
N ARG B 193 18.27 -25.74 0.50
CA ARG B 193 16.88 -25.40 0.74
C ARG B 193 16.67 -24.93 2.18
N ASP B 194 17.29 -25.61 3.14
CA ASP B 194 17.18 -25.20 4.53
C ASP B 194 17.90 -23.88 4.78
N GLU B 195 19.01 -23.62 4.07
CA GLU B 195 19.66 -22.33 4.17
C GLU B 195 18.73 -21.21 3.76
N PHE B 196 17.98 -21.42 2.69
CA PHE B 196 17.00 -20.40 2.27
C PHE B 196 15.82 -20.33 3.24
N LEU B 197 15.37 -21.48 3.74
CA LEU B 197 14.20 -21.51 4.61
C LEU B 197 14.48 -20.89 5.97
N ARG B 198 15.73 -20.94 6.43
CA ARG B 198 16.08 -20.26 7.69
C ARG B 198 15.84 -18.76 7.57
N ILE B 199 16.28 -18.17 6.46
CA ILE B 199 16.02 -16.75 6.22
C ILE B 199 14.52 -16.52 6.08
N SER B 200 13.83 -17.41 5.37
CA SER B 200 12.39 -17.24 5.17
C SER B 200 11.63 -17.23 6.49
N THR B 201 11.97 -18.16 7.40
CA THR B 201 11.24 -18.31 8.65
C THR B 201 11.79 -17.45 9.78
N ALA B 202 12.93 -16.76 9.56
CA ALA B 202 13.46 -15.88 10.60
C ALA B 202 12.51 -14.73 10.90
N SER B 203 11.91 -14.15 9.85
CA SER B 203 11.03 -13.00 10.01
C SER B 203 9.81 -13.17 9.11
N GLY B 204 8.84 -12.28 9.29
CA GLY B 204 7.64 -12.27 8.47
C GLY B 204 6.76 -13.50 8.65
N ASP B 205 6.19 -13.66 9.84
CA ASP B 205 5.36 -14.81 10.18
C ASP B 205 3.90 -14.46 9.94
N GLY B 206 3.23 -15.24 9.10
CA GLY B 206 1.83 -15.06 8.82
C GLY B 206 1.50 -14.04 7.75
N ARG B 207 2.47 -13.22 7.34
CA ARG B 207 2.23 -12.20 6.33
C ARG B 207 2.55 -12.70 4.92
N HIS B 208 3.61 -13.49 4.78
CA HIS B 208 3.98 -14.06 3.48
C HIS B 208 4.77 -15.33 3.71
N TYR B 209 4.87 -16.13 2.66
CA TYR B 209 5.37 -17.50 2.76
C TYR B 209 6.31 -17.79 1.60
N CYS B 210 7.20 -18.75 1.82
CA CYS B 210 8.16 -19.20 0.82
C CYS B 210 7.84 -20.62 0.39
N TYR B 211 7.89 -20.87 -0.92
CA TYR B 211 7.53 -22.16 -1.51
C TYR B 211 8.71 -22.70 -2.30
N PRO B 212 9.60 -23.46 -1.68
CA PRO B 212 10.77 -23.95 -2.40
C PRO B 212 10.43 -25.08 -3.36
N HIS B 213 11.20 -25.14 -4.45
CA HIS B 213 11.05 -26.20 -5.45
C HIS B 213 12.42 -26.54 -6.01
N PHE B 214 12.62 -27.81 -6.34
CA PHE B 214 13.82 -28.26 -7.02
C PHE B 214 13.53 -28.35 -8.51
N THR B 215 14.39 -27.73 -9.32
CA THR B 215 14.13 -27.58 -10.74
C THR B 215 15.35 -27.99 -11.55
N CYS B 216 15.10 -28.48 -12.75
CA CYS B 216 16.13 -28.77 -13.74
C CYS B 216 15.90 -27.90 -14.97
N ALA B 217 16.88 -27.91 -15.87
CA ALA B 217 16.76 -27.14 -17.10
C ALA B 217 15.73 -27.71 -18.07
N VAL B 218 15.30 -28.95 -17.88
CA VAL B 218 14.35 -29.59 -18.77
C VAL B 218 13.09 -29.97 -18.02
N ASP B 219 12.77 -29.22 -16.97
CA ASP B 219 11.57 -29.46 -16.16
C ASP B 219 10.37 -28.78 -16.81
N THR B 220 9.28 -29.52 -16.97
CA THR B 220 8.08 -29.03 -17.64
C THR B 220 6.92 -28.82 -16.69
N GLU B 221 7.14 -28.92 -15.38
CA GLU B 221 6.06 -28.82 -14.40
C GLU B 221 6.13 -27.53 -13.59
N ASN B 222 6.90 -26.55 -14.03
CA ASN B 222 7.07 -25.32 -13.26
C ASN B 222 5.79 -24.48 -13.27
N ALA B 223 5.06 -24.47 -14.39
CA ALA B 223 3.83 -23.70 -14.45
C ALA B 223 2.79 -24.23 -13.50
N ARG B 224 2.66 -25.56 -13.40
CA ARG B 224 1.72 -26.16 -12.46
C ARG B 224 2.09 -25.84 -11.02
N ARG B 225 3.39 -25.89 -10.71
CA ARG B 225 3.83 -25.54 -9.37
C ARG B 225 3.50 -24.09 -9.05
N ILE B 226 3.75 -23.18 -9.99
CA ILE B 226 3.43 -21.77 -9.78
C ILE B 226 1.94 -21.60 -9.55
N PHE B 227 1.11 -22.30 -10.33
CA PHE B 227 -0.33 -22.25 -10.17
C PHE B 227 -0.75 -22.71 -8.77
N ASN B 228 -0.16 -23.81 -8.29
CA ASN B 228 -0.52 -24.34 -6.98
C ASN B 228 -0.11 -23.39 -5.86
N ASP B 229 1.11 -22.85 -5.92
CA ASP B 229 1.53 -21.92 -4.87
C ASP B 229 0.73 -20.62 -4.92
N CYS B 230 0.34 -20.17 -6.12
CA CYS B 230 -0.53 -19.00 -6.21
C CYS B 230 -1.89 -19.28 -5.60
N LYS B 231 -2.42 -20.48 -5.81
CA LYS B 231 -3.68 -20.87 -5.17
C LYS B 231 -3.55 -20.83 -3.65
N ASP B 232 -2.44 -21.35 -3.12
CA ASP B 232 -2.22 -21.30 -1.68
C ASP B 232 -2.09 -19.86 -1.18
N ILE B 233 -1.45 -18.99 -1.98
CA ILE B 233 -1.31 -17.59 -1.60
C ILE B 233 -2.67 -16.91 -1.53
N ILE B 234 -3.54 -17.17 -2.50
CA ILE B 234 -4.88 -16.61 -2.49
C ILE B 234 -5.66 -17.12 -1.29
N LEU B 235 -5.52 -18.42 -0.97
CA LEU B 235 -6.18 -18.97 0.20
C LEU B 235 -5.71 -18.29 1.48
N GLN B 236 -4.40 -18.06 1.60
CA GLN B 236 -3.87 -17.40 2.79
C GLN B 236 -4.38 -15.97 2.89
N MET B 237 -4.46 -15.26 1.76
CA MET B 237 -5.00 -13.90 1.77
C MET B 237 -6.46 -13.89 2.22
N ASN B 238 -7.26 -14.84 1.71
CA ASN B 238 -8.65 -14.94 2.12
C ASN B 238 -8.76 -15.23 3.62
N LEU B 239 -7.92 -16.14 4.13
CA LEU B 239 -7.96 -16.45 5.55
C LEU B 239 -7.57 -15.25 6.40
N ARG B 240 -6.58 -14.48 5.94
CA ARG B 240 -6.18 -13.28 6.67
C ARG B 240 -7.29 -12.22 6.65
N GLU B 241 -8.07 -12.16 5.57
CA GLU B 241 -9.18 -11.22 5.53
C GLU B 241 -10.31 -11.66 6.44
N TYR B 242 -10.66 -12.96 6.42
CA TYR B 242 -11.80 -13.44 7.20
C TYR B 242 -11.59 -13.26 8.69
N ASN B 243 -10.33 -13.29 9.15
CA ASN B 243 -10.02 -13.12 10.56
C ASN B 243 -9.63 -11.70 10.92
N LEU B 244 -9.70 -10.77 9.96
CA LEU B 244 -9.34 -9.37 10.17
C LEU B 244 -7.90 -9.24 10.66
N VAL B 245 -7.03 -10.08 10.14
CA VAL B 245 -5.62 -10.08 10.54
C VAL B 245 -4.90 -8.90 9.90
N LEU C 25 44.19 12.93 -7.45
CA LEU C 25 42.97 13.64 -7.80
C LEU C 25 42.03 13.72 -6.61
N ARG C 26 42.06 12.69 -5.76
CA ARG C 26 41.21 12.69 -4.57
C ARG C 26 41.59 13.80 -3.61
N GLN C 27 42.90 14.05 -3.45
CA GLN C 27 43.34 15.12 -2.57
C GLN C 27 42.87 16.48 -3.06
N GLU C 28 42.97 16.73 -4.37
CA GLU C 28 42.53 18.01 -4.91
C GLU C 28 41.02 18.19 -4.74
N ALA C 29 40.24 17.14 -4.98
CA ALA C 29 38.80 17.22 -4.79
C ALA C 29 38.44 17.47 -3.33
N GLU C 30 39.13 16.80 -2.41
CA GLU C 30 38.89 17.02 -0.99
C GLU C 30 39.24 18.46 -0.60
N GLN C 31 40.34 18.98 -1.12
CA GLN C 31 40.72 20.36 -0.82
C GLN C 31 39.69 21.35 -1.35
N LEU C 32 39.20 21.11 -2.58
CA LEU C 32 38.18 22.00 -3.14
C LEU C 32 36.88 21.93 -2.34
N LYS C 33 36.49 20.73 -1.90
CA LYS C 33 35.30 20.61 -1.07
C LYS C 33 35.48 21.33 0.25
N ASN C 34 36.66 21.21 0.86
CA ASN C 34 36.93 21.93 2.10
C ASN C 34 36.88 23.44 1.89
N GLN C 35 37.43 23.92 0.78
CA GLN C 35 37.38 25.36 0.49
C GLN C 35 35.94 25.83 0.30
N ILE C 36 35.12 25.03 -0.39
CA ILE C 36 33.72 25.40 -0.58
C ILE C 36 33.00 25.43 0.76
N ARG C 37 33.26 24.44 1.62
CA ARG C 37 32.62 24.42 2.94
C ARG C 37 33.06 25.61 3.77
N ASP C 38 34.33 25.99 3.70
CA ASP C 38 34.81 27.15 4.45
C ASP C 38 34.17 28.43 3.93
N ALA C 39 34.04 28.57 2.62
CA ALA C 39 33.37 29.74 2.06
C ALA C 39 31.92 29.82 2.50
N ARG C 40 31.22 28.67 2.52
CA ARG C 40 29.84 28.64 2.98
C ARG C 40 29.75 29.01 4.46
N LYS C 41 30.66 28.50 5.28
CA LYS C 41 30.65 28.82 6.71
C LYS C 41 30.91 30.31 6.93
N ALA C 42 31.84 30.89 6.17
CA ALA C 42 32.10 32.32 6.29
C ALA C 42 30.89 33.14 5.85
N CYS C 43 30.20 32.69 4.80
CA CYS C 43 29.03 33.43 4.31
C CYS C 43 27.89 33.45 5.32
N ALA C 44 27.70 32.36 6.05
CA ALA C 44 26.56 32.23 6.96
C ALA C 44 26.80 33.05 8.21
N ASP C 45 26.22 34.25 8.26
CA ASP C 45 26.32 35.10 9.44
C ASP C 45 25.15 34.90 10.40
N ALA C 46 23.93 34.85 9.89
CA ALA C 46 22.73 34.62 10.68
C ALA C 46 22.02 33.38 10.18
N THR C 47 20.92 33.03 10.84
CA THR C 47 20.12 31.87 10.48
C THR C 47 18.71 32.31 10.13
N LEU C 48 18.04 31.51 9.31
CA LEU C 48 16.67 31.83 8.90
C LEU C 48 15.74 31.84 10.11
N SER C 49 15.90 30.89 11.03
CA SER C 49 15.04 30.84 12.20
C SER C 49 15.21 32.08 13.07
N GLN C 50 16.45 32.55 13.23
CA GLN C 50 16.69 33.76 14.02
C GLN C 50 16.05 34.98 13.36
N ILE C 51 16.14 35.07 12.03
CA ILE C 51 15.55 36.21 11.32
C ILE C 51 14.03 36.19 11.45
N THR C 52 13.41 35.02 11.30
CA THR C 52 11.96 34.90 11.40
C THR C 52 11.56 34.50 12.82
N ASN C 53 11.83 35.40 13.76
CA ASN C 53 11.45 35.21 15.15
C ASN C 53 10.47 36.25 15.67
N ASN C 54 10.37 37.41 15.03
CA ASN C 54 9.47 38.47 15.45
C ASN C 54 8.22 38.55 14.60
N ILE C 55 8.02 37.62 13.67
CA ILE C 55 6.84 37.63 12.82
C ILE C 55 5.75 36.77 13.46
N ASP C 56 4.51 37.12 13.16
CA ASP C 56 3.38 36.41 13.77
C ASP C 56 3.30 34.99 13.22
N PRO C 57 3.23 33.97 14.07
CA PRO C 57 3.11 32.60 13.57
C PRO C 57 1.82 32.39 12.81
N VAL C 58 1.88 31.52 11.80
CA VAL C 58 0.68 31.13 11.07
C VAL C 58 -0.21 30.33 11.99
N GLY C 59 -1.50 30.66 12.01
CA GLY C 59 -2.43 29.95 12.85
C GLY C 59 -2.62 28.51 12.41
N ARG C 60 -3.34 27.76 13.24
CA ARG C 60 -3.59 26.35 12.96
C ARG C 60 -4.35 26.20 11.65
N ILE C 61 -3.68 25.68 10.63
CA ILE C 61 -4.29 25.49 9.32
C ILE C 61 -5.13 24.21 9.36
N GLN C 62 -6.41 24.35 9.06
CA GLN C 62 -7.34 23.22 9.06
C GLN C 62 -8.00 23.17 7.67
N MET C 63 -7.34 22.48 6.76
CA MET C 63 -7.85 22.32 5.39
C MET C 63 -8.71 21.08 5.32
N ARG C 64 -9.90 21.21 4.75
CA ARG C 64 -10.85 20.12 4.65
C ARG C 64 -10.87 19.56 3.24
N THR C 65 -11.28 18.30 3.12
CA THR C 65 -11.36 17.62 1.85
C THR C 65 -12.65 18.02 1.14
N ARG C 66 -12.53 18.79 0.06
CA ARG C 66 -13.68 19.24 -0.69
C ARG C 66 -14.09 18.29 -1.80
N ARG C 67 -13.14 17.56 -2.38
CA ARG C 67 -13.42 16.62 -3.44
C ARG C 67 -12.67 15.31 -3.18
N THR C 68 -13.22 14.23 -3.74
CA THR C 68 -12.55 12.93 -3.73
C THR C 68 -12.76 12.30 -5.11
N LEU C 69 -11.68 12.16 -5.86
CA LEU C 69 -11.75 11.65 -7.22
C LEU C 69 -11.49 10.16 -7.21
N ARG C 70 -12.47 9.38 -7.66
CA ARG C 70 -12.40 7.93 -7.66
C ARG C 70 -12.47 7.41 -9.10
N GLY C 71 -11.87 6.25 -9.32
CA GLY C 71 -11.89 5.65 -10.64
C GLY C 71 -10.62 4.91 -11.02
N HIS C 72 -9.53 5.19 -10.32
CA HIS C 72 -8.29 4.46 -10.56
C HIS C 72 -8.35 3.09 -9.90
N LEU C 73 -7.89 2.07 -10.62
CA LEU C 73 -8.02 0.70 -10.16
C LEU C 73 -6.93 0.27 -9.19
N ALA C 74 -5.85 1.04 -9.07
CA ALA C 74 -4.73 0.65 -8.22
C ALA C 74 -4.06 1.92 -7.70
N LYS C 75 -2.84 1.76 -7.19
CA LYS C 75 -2.12 2.89 -6.61
C LYS C 75 -1.93 4.01 -7.63
N ILE C 76 -2.06 5.24 -7.17
CA ILE C 76 -1.79 6.42 -7.97
C ILE C 76 -0.33 6.82 -7.76
N TYR C 77 0.40 6.97 -8.85
CA TYR C 77 1.83 7.23 -8.77
C TYR C 77 2.20 8.70 -8.95
N ALA C 78 1.43 9.46 -9.72
CA ALA C 78 1.76 10.86 -9.96
C ALA C 78 0.51 11.61 -10.35
N MET C 79 0.60 12.94 -10.24
CA MET C 79 -0.45 13.85 -10.71
C MET C 79 0.19 15.17 -11.06
N HIS C 80 -0.53 15.97 -11.85
CA HIS C 80 -0.06 17.30 -12.20
C HIS C 80 -1.25 18.21 -12.50
N TRP C 81 -1.26 19.38 -11.85
CA TRP C 81 -2.30 20.36 -12.11
C TRP C 81 -2.08 21.03 -13.47
N GLY C 82 -3.18 21.31 -14.16
CA GLY C 82 -3.10 22.14 -15.34
C GLY C 82 -2.95 23.60 -14.99
N THR C 83 -2.45 24.38 -15.96
CA THR C 83 -2.27 25.81 -15.72
C THR C 83 -3.58 26.57 -15.66
N ASP C 84 -4.68 25.96 -16.11
CA ASP C 84 -5.99 26.56 -16.01
C ASP C 84 -6.60 26.44 -14.62
N SER C 85 -5.94 25.72 -13.72
CA SER C 85 -6.31 25.57 -12.32
C SER C 85 -7.58 24.77 -12.12
N ARG C 86 -8.10 24.13 -13.17
CA ARG C 86 -9.35 23.38 -13.09
C ARG C 86 -9.20 21.92 -13.48
N LEU C 87 -8.42 21.62 -14.52
CA LEU C 87 -8.20 20.26 -14.99
C LEU C 87 -6.85 19.75 -14.50
N LEU C 88 -6.82 18.47 -14.12
CA LEU C 88 -5.58 17.84 -13.68
C LEU C 88 -5.48 16.46 -14.30
N VAL C 89 -4.30 15.85 -14.17
CA VAL C 89 -4.03 14.52 -14.71
C VAL C 89 -3.45 13.65 -13.61
N SER C 90 -3.65 12.34 -13.73
CA SER C 90 -3.12 11.39 -12.77
C SER C 90 -2.77 10.08 -13.47
N ALA C 91 -1.70 9.44 -13.00
CA ALA C 91 -1.21 8.18 -13.53
C ALA C 91 -1.37 7.09 -12.48
N SER C 92 -1.76 5.89 -12.91
CA SER C 92 -2.06 4.83 -11.98
C SER C 92 -1.28 3.55 -12.31
N GLN C 93 -1.25 2.65 -11.32
CA GLN C 93 -0.52 1.40 -11.47
C GLN C 93 -1.14 0.50 -12.52
N ASP C 94 -2.44 0.60 -12.74
CA ASP C 94 -3.10 -0.22 -13.76
C ASP C 94 -2.85 0.27 -15.17
N GLY C 95 -1.86 1.12 -15.39
CA GLY C 95 -1.60 1.61 -16.72
C GLY C 95 -2.67 2.54 -17.26
N LYS C 96 -3.21 3.42 -16.41
CA LYS C 96 -4.20 4.38 -16.81
C LYS C 96 -3.70 5.79 -16.56
N LEU C 97 -4.10 6.71 -17.42
CA LEU C 97 -3.77 8.13 -17.31
C LEU C 97 -5.09 8.89 -17.43
N ILE C 98 -5.63 9.36 -16.32
CA ILE C 98 -6.96 9.94 -16.28
C ILE C 98 -6.84 11.44 -16.06
N ILE C 99 -7.55 12.21 -16.90
CA ILE C 99 -7.63 13.65 -16.78
C ILE C 99 -9.00 14.00 -16.19
N TRP C 100 -8.97 14.67 -15.04
CA TRP C 100 -10.15 15.00 -14.26
C TRP C 100 -10.43 16.50 -14.30
N ASP C 101 -11.72 16.82 -14.20
CA ASP C 101 -12.18 18.17 -13.93
C ASP C 101 -12.35 18.32 -12.41
N SER C 102 -11.53 19.18 -11.80
CA SER C 102 -11.53 19.27 -10.34
C SER C 102 -12.81 19.86 -9.80
N TYR C 103 -13.44 20.78 -10.53
CA TYR C 103 -14.64 21.44 -10.03
C TYR C 103 -15.83 20.48 -9.99
N THR C 104 -16.19 19.95 -11.15
CA THR C 104 -17.38 19.12 -11.30
C THR C 104 -17.15 17.65 -11.00
N THR C 105 -15.90 17.24 -10.75
CA THR C 105 -15.48 15.88 -10.44
C THR C 105 -15.56 14.98 -11.68
N ASN C 106 -16.17 15.45 -12.77
CA ASN C 106 -16.33 14.65 -13.97
C ASN C 106 -14.97 14.33 -14.60
N LYS C 107 -14.87 13.14 -15.16
CA LYS C 107 -13.66 12.69 -15.83
C LYS C 107 -13.63 13.21 -17.26
N VAL C 108 -12.55 13.90 -17.61
CA VAL C 108 -12.42 14.48 -18.95
C VAL C 108 -11.81 13.47 -19.92
N HIS C 109 -10.81 12.71 -19.48
CA HIS C 109 -10.14 11.79 -20.40
C HIS C 109 -9.65 10.57 -19.63
N ALA C 110 -9.49 9.47 -20.36
CA ALA C 110 -8.87 8.25 -19.84
C ALA C 110 -8.04 7.64 -20.94
N ILE C 111 -6.72 7.60 -20.75
CA ILE C 111 -5.77 7.14 -21.75
C ILE C 111 -5.17 5.83 -21.26
N PRO C 112 -5.23 4.75 -22.05
CA PRO C 112 -4.52 3.53 -21.68
C PRO C 112 -3.06 3.60 -22.12
N LEU C 113 -2.18 3.11 -21.24
CA LEU C 113 -0.75 3.10 -21.49
C LEU C 113 -0.29 1.73 -21.93
N ARG C 114 0.70 1.70 -22.82
CA ARG C 114 1.27 0.44 -23.27
C ARG C 114 1.97 -0.29 -22.12
N SER C 115 2.65 0.46 -21.26
CA SER C 115 3.32 -0.09 -20.09
C SER C 115 2.60 0.39 -18.83
N SER C 116 2.42 -0.52 -17.88
CA SER C 116 1.68 -0.24 -16.65
C SER C 116 2.61 0.06 -15.48
N TRP C 117 3.86 0.43 -15.75
CA TRP C 117 4.83 0.74 -14.71
C TRP C 117 5.23 2.22 -14.76
N VAL C 118 4.24 3.08 -14.92
CA VAL C 118 4.46 4.52 -14.99
C VAL C 118 4.96 5.02 -13.64
N MET C 119 5.80 6.06 -13.67
CA MET C 119 6.32 6.69 -12.48
C MET C 119 6.07 8.19 -12.43
N THR C 120 5.69 8.81 -13.55
CA THR C 120 5.52 10.25 -13.59
C THR C 120 4.57 10.61 -14.72
N CYS C 121 3.94 11.78 -14.58
CA CYS C 121 3.08 12.34 -15.61
C CYS C 121 3.13 13.85 -15.51
N ALA C 122 3.00 14.51 -16.66
CA ALA C 122 3.11 15.95 -16.73
C ALA C 122 1.98 16.53 -17.58
N TYR C 123 1.64 17.78 -17.28
CA TYR C 123 0.62 18.53 -18.01
C TYR C 123 1.32 19.66 -18.75
N ALA C 124 0.98 19.84 -20.01
CA ALA C 124 1.55 20.95 -20.77
C ALA C 124 0.96 22.26 -20.29
N PRO C 125 1.77 23.33 -20.23
CA PRO C 125 1.21 24.64 -19.85
C PRO C 125 0.11 25.12 -20.78
N SER C 126 0.17 24.74 -22.06
CA SER C 126 -0.91 25.07 -22.99
C SER C 126 -2.14 24.20 -22.77
N GLY C 127 -1.97 23.03 -22.17
CA GLY C 127 -3.07 22.12 -21.95
C GLY C 127 -3.38 21.20 -23.10
N ASN C 128 -2.61 21.24 -24.18
CA ASN C 128 -2.86 20.43 -25.36
C ASN C 128 -2.15 19.08 -25.33
N TYR C 129 -1.18 18.90 -24.45
CA TYR C 129 -0.36 17.69 -24.43
C TYR C 129 -0.22 17.18 -23.01
N VAL C 130 0.00 15.87 -22.89
CA VAL C 130 0.28 15.24 -21.59
C VAL C 130 1.38 14.22 -21.79
N ALA C 131 2.38 14.24 -20.90
CA ALA C 131 3.49 13.31 -20.98
C ALA C 131 3.46 12.33 -19.82
N CYS C 132 4.11 11.19 -20.03
CA CYS C 132 4.25 10.17 -18.99
C CYS C 132 5.45 9.30 -19.32
N GLY C 133 5.81 8.44 -18.38
CA GLY C 133 6.94 7.55 -18.58
C GLY C 133 7.14 6.70 -17.36
N GLY C 134 8.06 5.73 -17.48
CA GLY C 134 8.30 4.82 -16.38
C GLY C 134 9.40 3.81 -16.62
N LEU C 135 9.13 2.54 -16.28
CA LEU C 135 10.13 1.50 -16.38
C LEU C 135 10.46 1.11 -17.82
N ASP C 136 9.69 1.59 -18.80
CA ASP C 136 9.98 1.31 -20.20
C ASP C 136 11.09 2.18 -20.77
N ASN C 137 11.59 3.15 -19.99
CA ASN C 137 12.66 4.06 -20.40
C ASN C 137 12.23 4.96 -21.55
N ILE C 138 10.93 5.22 -21.68
CA ILE C 138 10.38 6.01 -22.77
C ILE C 138 9.56 7.14 -22.17
N CYS C 139 9.62 8.31 -22.80
CA CYS C 139 8.71 9.41 -22.49
C CYS C 139 7.65 9.46 -23.58
N SER C 140 6.41 9.09 -23.22
CA SER C 140 5.30 9.09 -24.15
C SER C 140 4.55 10.41 -24.03
N ILE C 141 4.31 11.04 -25.16
CA ILE C 141 3.65 12.35 -25.23
C ILE C 141 2.38 12.19 -26.05
N TYR C 142 1.25 12.49 -25.43
CA TYR C 142 -0.08 12.29 -25.99
C TYR C 142 -0.70 13.65 -26.29
N ASN C 143 -1.30 13.76 -27.47
CA ASN C 143 -1.99 14.98 -27.89
C ASN C 143 -3.45 14.89 -27.46
N LEU C 144 -3.89 15.88 -26.69
CA LEU C 144 -5.29 15.97 -26.29
C LEU C 144 -6.15 16.69 -27.31
N LYS C 145 -5.54 17.26 -28.36
CA LYS C 145 -6.25 17.97 -29.41
C LYS C 145 -7.13 19.08 -28.86
N VAL C 151 -7.73 10.44 -28.02
CA VAL C 151 -6.40 10.84 -27.61
C VAL C 151 -5.43 9.67 -27.80
N ARG C 152 -4.52 9.81 -28.76
CA ARG C 152 -3.54 8.79 -29.06
C ARG C 152 -2.13 9.36 -28.89
N VAL C 153 -1.15 8.47 -28.81
CA VAL C 153 0.22 8.91 -28.62
C VAL C 153 0.68 9.72 -29.82
N SER C 154 1.44 10.78 -29.56
CA SER C 154 1.98 11.63 -30.61
C SER C 154 3.49 11.55 -30.70
N ARG C 155 4.17 11.24 -29.59
CA ARG C 155 5.62 11.15 -29.61
C ARG C 155 6.09 10.13 -28.59
N GLU C 156 7.21 9.47 -28.90
CA GLU C 156 7.86 8.54 -27.99
C GLU C 156 9.35 8.87 -27.97
N LEU C 157 9.80 9.51 -26.89
CA LEU C 157 11.20 9.88 -26.73
C LEU C 157 11.95 8.72 -26.09
N ALA C 158 12.99 8.24 -26.76
CA ALA C 158 13.72 7.04 -26.35
C ALA C 158 15.22 7.30 -26.47
N GLY C 159 15.83 7.80 -25.39
CA GLY C 159 17.26 7.94 -25.35
C GLY C 159 17.86 7.58 -24.00
N HIS C 160 17.00 7.30 -23.02
CA HIS C 160 17.43 7.03 -21.66
C HIS C 160 17.67 5.54 -21.46
N THR C 161 18.70 5.21 -20.69
CA THR C 161 19.02 3.83 -20.35
C THR C 161 18.54 3.45 -18.96
N GLY C 162 17.71 4.29 -18.32
CA GLY C 162 17.14 3.98 -17.04
C GLY C 162 15.70 4.43 -16.97
N TYR C 163 15.02 4.02 -15.90
CA TYR C 163 13.60 4.33 -15.76
C TYR C 163 13.38 5.83 -15.67
N LEU C 164 12.34 6.30 -16.32
CA LEU C 164 12.04 7.73 -16.39
C LEU C 164 11.29 8.14 -15.12
N SER C 165 11.94 8.96 -14.30
CA SER C 165 11.42 9.30 -12.98
C SER C 165 10.57 10.57 -12.97
N CYS C 166 10.92 11.55 -13.80
CA CYS C 166 10.20 12.82 -13.81
C CYS C 166 10.27 13.43 -15.21
N CYS C 167 9.31 14.30 -15.50
CA CYS C 167 9.28 15.02 -16.76
C CYS C 167 8.48 16.29 -16.56
N ARG C 168 9.00 17.42 -17.06
CA ARG C 168 8.33 18.70 -16.98
C ARG C 168 8.37 19.39 -18.33
N PHE C 169 7.24 19.98 -18.72
CA PHE C 169 7.14 20.66 -20.00
C PHE C 169 7.71 22.07 -19.89
N LEU C 170 8.49 22.47 -20.89
CA LEU C 170 8.86 23.88 -21.04
C LEU C 170 7.87 24.62 -21.92
N ASP C 171 7.52 24.02 -23.06
CA ASP C 171 6.44 24.48 -23.93
C ASP C 171 5.94 23.29 -24.71
N ASP C 172 5.18 23.53 -25.77
CA ASP C 172 4.66 22.44 -26.59
C ASP C 172 5.76 21.71 -27.35
N ASN C 173 6.97 22.25 -27.41
CA ASN C 173 8.04 21.68 -28.23
C ASN C 173 9.23 21.16 -27.44
N GLN C 174 9.41 21.56 -26.18
CA GLN C 174 10.56 21.15 -25.39
C GLN C 174 10.11 20.52 -24.10
N ILE C 175 10.83 19.49 -23.66
CA ILE C 175 10.51 18.83 -22.40
C ILE C 175 11.80 18.42 -21.70
N VAL C 176 11.82 18.55 -20.37
CA VAL C 176 12.95 18.14 -19.55
C VAL C 176 12.56 16.88 -18.80
N THR C 177 13.43 15.87 -18.86
CA THR C 177 13.18 14.58 -18.22
C THR C 177 14.38 14.20 -17.36
N SER C 178 14.11 13.36 -16.35
CA SER C 178 15.15 12.76 -15.53
C SER C 178 14.91 11.26 -15.47
N SER C 179 16.00 10.50 -15.34
CA SER C 179 15.90 9.05 -15.37
C SER C 179 16.83 8.45 -14.32
N GLY C 180 16.70 7.13 -14.15
CA GLY C 180 17.49 6.36 -13.22
C GLY C 180 18.88 6.01 -13.67
N ASP C 181 19.26 6.40 -14.89
CA ASP C 181 20.62 6.26 -15.36
C ASP C 181 21.51 7.43 -14.95
N THR C 182 21.09 8.19 -13.94
CA THR C 182 21.85 9.28 -13.33
C THR C 182 22.06 10.46 -14.26
N THR C 183 21.19 10.65 -15.24
CA THR C 183 21.31 11.79 -16.15
C THR C 183 19.94 12.42 -16.35
N CYS C 184 19.96 13.70 -16.73
CA CYS C 184 18.76 14.41 -17.16
C CYS C 184 18.91 14.80 -18.62
N ALA C 185 17.81 15.15 -19.26
CA ALA C 185 17.85 15.47 -20.68
C ALA C 185 16.82 16.53 -21.02
N LEU C 186 17.12 17.31 -22.06
CA LEU C 186 16.21 18.25 -22.67
C LEU C 186 15.96 17.81 -24.09
N TRP C 187 14.69 17.55 -24.42
CA TRP C 187 14.27 17.00 -25.69
C TRP C 187 13.47 18.02 -26.48
N ASP C 188 13.75 18.08 -27.78
CA ASP C 188 12.91 18.74 -28.76
C ASP C 188 11.85 17.74 -29.21
N ILE C 189 10.59 18.02 -28.87
CA ILE C 189 9.53 17.04 -29.12
C ILE C 189 9.30 16.85 -30.61
N GLU C 190 9.43 17.91 -31.40
CA GLU C 190 9.13 17.82 -32.82
C GLU C 190 10.05 16.83 -33.52
N THR C 191 11.35 16.86 -33.20
CA THR C 191 12.30 15.94 -33.81
C THR C 191 12.52 14.68 -32.98
N GLY C 192 12.15 14.69 -31.70
CA GLY C 192 12.29 13.51 -30.88
C GLY C 192 13.72 13.18 -30.49
N GLN C 193 14.60 14.18 -30.47
CA GLN C 193 16.01 13.97 -30.16
C GLN C 193 16.39 14.75 -28.91
N GLN C 194 17.40 14.25 -28.20
CA GLN C 194 17.92 14.92 -27.01
C GLN C 194 18.68 16.16 -27.43
N THR C 195 18.06 17.33 -27.24
CA THR C 195 18.76 18.58 -27.53
C THR C 195 19.93 18.77 -26.57
N THR C 196 19.74 18.48 -25.29
CA THR C 196 20.77 18.67 -24.28
C THR C 196 20.77 17.50 -23.32
N THR C 197 21.93 17.24 -22.73
CA THR C 197 22.07 16.25 -21.67
C THR C 197 22.73 16.88 -20.46
N PHE C 198 22.37 16.41 -19.28
CA PHE C 198 22.88 16.92 -18.02
C PHE C 198 23.42 15.75 -17.21
N THR C 199 24.71 15.79 -16.89
CA THR C 199 25.39 14.70 -16.22
C THR C 199 26.12 15.23 -14.99
N GLY C 200 26.34 14.35 -14.02
CA GLY C 200 27.01 14.72 -12.80
C GLY C 200 26.46 14.04 -11.56
N HIS C 201 25.18 13.67 -11.58
CA HIS C 201 24.61 12.93 -10.47
C HIS C 201 25.19 11.52 -10.42
N THR C 202 25.57 11.07 -9.23
CA THR C 202 26.10 9.73 -9.04
C THR C 202 25.05 8.72 -8.64
N GLY C 203 23.78 9.15 -8.50
CA GLY C 203 22.70 8.24 -8.23
C GLY C 203 21.51 8.55 -9.12
N ASP C 204 20.53 7.65 -9.09
CA ASP C 204 19.35 7.81 -9.92
C ASP C 204 18.62 9.11 -9.57
N VAL C 205 18.27 9.88 -10.60
CA VAL C 205 17.58 11.15 -10.39
C VAL C 205 16.09 10.86 -10.19
N MET C 206 15.54 11.34 -9.08
CA MET C 206 14.18 11.00 -8.68
C MET C 206 13.18 12.11 -8.99
N SER C 207 13.61 13.36 -9.03
CA SER C 207 12.69 14.46 -9.21
C SER C 207 13.41 15.63 -9.86
N LEU C 208 12.62 16.51 -10.49
CA LEU C 208 13.13 17.76 -11.03
C LEU C 208 12.04 18.81 -10.90
N SER C 209 12.46 20.08 -10.90
CA SER C 209 11.55 21.20 -10.76
C SER C 209 12.02 22.35 -11.65
N LEU C 210 11.09 22.95 -12.37
CA LEU C 210 11.40 24.05 -13.27
C LEU C 210 11.27 25.39 -12.55
N ALA C 211 12.19 26.30 -12.84
CA ALA C 211 12.08 27.65 -12.31
C ALA C 211 10.94 28.39 -12.99
N PRO C 212 10.37 29.40 -12.33
CA PRO C 212 9.31 30.19 -12.97
C PRO C 212 9.77 30.87 -14.26
N ASP C 213 11.03 31.28 -14.35
CA ASP C 213 11.56 31.87 -15.57
C ASP C 213 11.82 30.85 -16.66
N THR C 214 11.84 29.56 -16.33
CA THR C 214 12.10 28.47 -17.28
C THR C 214 13.48 28.59 -17.92
N ARG C 215 14.43 29.18 -17.19
CA ARG C 215 15.81 29.26 -17.64
C ARG C 215 16.76 28.40 -16.81
N LEU C 216 16.33 27.96 -15.62
CA LEU C 216 17.10 27.08 -14.77
C LEU C 216 16.18 25.99 -14.24
N PHE C 217 16.78 24.90 -13.79
CA PHE C 217 15.97 23.90 -13.08
C PHE C 217 16.84 23.19 -12.06
N VAL C 218 16.18 22.53 -11.11
CA VAL C 218 16.86 21.81 -10.04
C VAL C 218 16.48 20.34 -10.10
N SER C 219 17.43 19.50 -9.71
CA SER C 219 17.23 18.06 -9.73
C SER C 219 17.76 17.43 -8.46
N GLY C 220 17.00 16.47 -7.93
CA GLY C 220 17.45 15.68 -6.78
C GLY C 220 17.58 14.23 -7.17
N ALA C 221 18.61 13.57 -6.66
CA ALA C 221 18.93 12.21 -7.07
C ALA C 221 19.21 11.35 -5.85
N CYS C 222 19.51 10.07 -6.11
CA CYS C 222 19.80 9.12 -5.04
C CYS C 222 21.27 9.14 -4.66
N ASP C 223 21.80 10.33 -4.37
CA ASP C 223 23.14 10.47 -3.83
C ASP C 223 23.19 11.51 -2.72
N ALA C 224 22.02 11.88 -2.17
CA ALA C 224 21.91 12.91 -1.14
C ALA C 224 22.43 14.26 -1.61
N SER C 225 22.26 14.55 -2.90
CA SER C 225 22.70 15.82 -3.46
C SER C 225 21.66 16.33 -4.44
N ALA C 226 21.59 17.66 -4.55
CA ALA C 226 20.74 18.32 -5.53
C ALA C 226 21.61 19.23 -6.40
N LYS C 227 21.17 19.45 -7.63
CA LYS C 227 21.97 20.21 -8.59
C LYS C 227 21.11 21.24 -9.31
N LEU C 228 21.71 22.39 -9.58
CA LEU C 228 21.07 23.45 -10.37
C LEU C 228 21.68 23.45 -11.76
N TRP C 229 20.83 23.36 -12.78
CA TRP C 229 21.26 23.27 -14.16
C TRP C 229 20.72 24.45 -14.95
N ASP C 230 21.58 24.98 -15.83
CA ASP C 230 21.19 25.98 -16.81
C ASP C 230 20.70 25.25 -18.06
N VAL C 231 19.43 25.48 -18.42
CA VAL C 231 18.85 24.78 -19.56
C VAL C 231 19.56 25.17 -20.85
N ARG C 232 19.81 26.46 -21.04
CA ARG C 232 20.42 26.93 -22.28
C ARG C 232 21.86 26.43 -22.41
N GLU C 233 22.67 26.63 -21.36
CA GLU C 233 24.07 26.24 -21.44
C GLU C 233 24.24 24.73 -21.33
N GLY C 234 23.49 24.10 -20.43
CA GLY C 234 23.60 22.67 -20.23
C GLY C 234 24.64 22.23 -19.22
N MET C 235 25.08 23.12 -18.34
CA MET C 235 26.11 22.82 -17.36
C MET C 235 25.57 22.99 -15.95
N CYS C 236 26.14 22.22 -15.02
CA CYS C 236 25.74 22.33 -13.62
C CYS C 236 26.29 23.61 -13.02
N ARG C 237 25.43 24.36 -12.32
CA ARG C 237 25.84 25.60 -11.68
C ARG C 237 26.28 25.37 -10.23
N GLN C 238 25.38 24.84 -9.40
CA GLN C 238 25.68 24.62 -8.00
C GLN C 238 25.20 23.23 -7.59
N THR C 239 25.83 22.69 -6.56
CA THR C 239 25.46 21.42 -5.96
C THR C 239 25.22 21.64 -4.46
N PHE C 240 24.10 21.15 -3.98
CA PHE C 240 23.68 21.32 -2.59
C PHE C 240 23.64 19.95 -1.93
N THR C 241 24.42 19.78 -0.86
CA THR C 241 24.57 18.50 -0.17
C THR C 241 24.27 18.71 1.31
N GLY C 242 23.01 18.61 1.69
CA GLY C 242 22.63 18.71 3.09
C GLY C 242 21.92 17.49 3.62
N HIS C 243 21.23 16.77 2.73
CA HIS C 243 20.44 15.62 3.14
C HIS C 243 21.34 14.43 3.47
N GLU C 244 20.76 13.46 4.17
CA GLU C 244 21.48 12.26 4.59
C GLU C 244 21.21 11.04 3.72
N SER C 245 20.10 11.02 2.99
CA SER C 245 19.71 9.86 2.22
C SER C 245 19.16 10.34 0.87
N ASP C 246 18.50 9.43 0.16
CA ASP C 246 18.02 9.72 -1.19
C ASP C 246 16.96 10.81 -1.17
N ILE C 247 17.02 11.71 -2.14
CA ILE C 247 16.07 12.80 -2.27
C ILE C 247 14.97 12.35 -3.24
N ASN C 248 13.73 12.31 -2.75
CA ASN C 248 12.62 11.85 -3.55
C ASN C 248 11.80 12.97 -4.16
N ALA C 249 11.79 14.14 -3.53
CA ALA C 249 10.96 15.25 -3.97
C ALA C 249 11.76 16.53 -3.98
N ILE C 250 11.49 17.38 -4.97
CA ILE C 250 12.08 18.70 -5.06
C ILE C 250 11.02 19.68 -5.56
N CYS C 251 10.98 20.86 -4.97
CA CYS C 251 10.05 21.90 -5.37
C CYS C 251 10.77 23.24 -5.33
N PHE C 252 10.27 24.19 -6.12
CA PHE C 252 10.96 25.45 -6.34
C PHE C 252 10.14 26.58 -5.69
N PHE C 253 10.84 27.50 -5.02
CA PHE C 253 10.17 28.59 -4.34
C PHE C 253 9.45 29.48 -5.36
N PRO C 254 8.33 30.11 -4.96
CA PRO C 254 7.55 30.89 -5.94
C PRO C 254 8.32 31.97 -6.67
N ASN C 255 9.28 32.63 -6.03
CA ASN C 255 10.04 33.67 -6.71
C ASN C 255 11.30 33.14 -7.39
N GLY C 256 11.64 31.86 -7.20
CA GLY C 256 12.71 31.24 -7.93
C GLY C 256 14.11 31.40 -7.36
N ASN C 257 14.25 31.93 -6.14
CA ASN C 257 15.55 32.09 -5.52
C ASN C 257 15.82 31.06 -4.43
N ALA C 258 14.98 30.04 -4.32
CA ALA C 258 15.14 29.01 -3.31
C ALA C 258 14.38 27.77 -3.74
N PHE C 259 14.63 26.66 -3.05
CA PHE C 259 13.91 25.42 -3.35
C PHE C 259 13.91 24.52 -2.13
N ALA C 260 12.92 23.64 -2.06
CA ALA C 260 12.76 22.72 -0.95
C ALA C 260 12.87 21.27 -1.45
N THR C 261 13.49 20.43 -0.65
CA THR C 261 13.71 19.03 -0.98
C THR C 261 13.21 18.14 0.14
N GLY C 262 12.62 17.01 -0.24
CA GLY C 262 12.23 15.98 0.71
C GLY C 262 13.01 14.71 0.44
N SER C 263 13.41 14.03 1.50
CA SER C 263 14.32 12.90 1.38
C SER C 263 13.82 11.75 2.23
N ASP C 264 14.63 10.69 2.28
CA ASP C 264 14.29 9.47 3.00
C ASP C 264 14.71 9.49 4.46
N ASP C 265 15.45 10.50 4.90
CA ASP C 265 15.83 10.64 6.30
C ASP C 265 14.78 11.35 7.12
N ALA C 266 13.53 11.40 6.63
CA ALA C 266 12.38 11.93 7.37
C ALA C 266 12.51 13.43 7.63
N THR C 267 13.22 14.15 6.77
CA THR C 267 13.39 15.59 6.91
C THR C 267 13.13 16.27 5.57
N CYS C 268 12.71 17.53 5.64
CA CYS C 268 12.67 18.40 4.48
C CYS C 268 13.67 19.53 4.70
N ARG C 269 14.21 20.07 3.60
CA ARG C 269 15.21 21.11 3.72
C ARG C 269 14.95 22.21 2.72
N LEU C 270 15.34 23.43 3.09
CA LEU C 270 15.24 24.60 2.22
C LEU C 270 16.64 25.09 1.87
N PHE C 271 16.86 25.36 0.59
CA PHE C 271 18.14 25.81 0.08
C PHE C 271 17.94 27.11 -0.69
N ASP C 272 18.87 28.04 -0.50
CA ASP C 272 18.86 29.33 -1.18
C ASP C 272 19.93 29.34 -2.26
N LEU C 273 19.55 29.70 -3.48
CA LEU C 273 20.50 29.70 -4.59
C LEU C 273 21.57 30.77 -4.41
N ARG C 274 21.17 31.98 -4.01
CA ARG C 274 22.14 33.07 -3.87
C ARG C 274 23.15 32.79 -2.77
N ALA C 275 22.69 32.29 -1.63
CA ALA C 275 23.60 31.91 -0.55
C ALA C 275 24.25 30.56 -0.81
N ASP C 276 23.70 29.75 -1.71
CA ASP C 276 24.25 28.44 -2.07
C ASP C 276 24.42 27.55 -0.86
N GLN C 277 23.45 27.57 0.05
CA GLN C 277 23.53 26.78 1.27
C GLN C 277 22.13 26.51 1.80
N GLU C 278 22.03 25.53 2.68
CA GLU C 278 20.76 25.19 3.30
C GLU C 278 20.35 26.25 4.30
N LEU C 279 19.06 26.55 4.36
CA LEU C 279 18.52 27.58 5.24
C LEU C 279 17.77 27.02 6.43
N MET C 280 16.77 26.17 6.21
CA MET C 280 15.97 25.64 7.30
C MET C 280 15.73 24.15 7.09
N THR C 281 15.52 23.45 8.21
CA THR C 281 15.21 22.03 8.22
C THR C 281 13.87 21.82 8.90
N TYR C 282 12.99 21.08 8.23
CA TYR C 282 11.64 20.79 8.73
C TYR C 282 11.59 19.31 9.08
N SER C 283 11.63 19.02 10.38
CA SER C 283 11.56 17.66 10.88
C SER C 283 11.18 17.71 12.35
N HIS C 284 10.66 16.59 12.84
CA HIS C 284 10.32 16.42 14.25
C HIS C 284 10.78 15.05 14.70
N ASP C 285 11.03 14.91 16.00
CA ASP C 285 11.46 13.62 16.53
C ASP C 285 10.25 12.73 16.77
N ASN C 286 9.39 12.61 15.77
CA ASN C 286 8.29 11.65 15.79
C ASN C 286 7.98 11.12 14.39
N ILE C 287 8.74 11.52 13.38
CA ILE C 287 8.56 11.07 12.00
C ILE C 287 9.76 10.19 11.65
N ILE C 288 9.49 8.92 11.38
CA ILE C 288 10.53 7.96 11.05
C ILE C 288 10.26 7.37 9.68
N CYS C 289 9.61 8.16 8.82
CA CYS C 289 9.28 7.73 7.47
C CYS C 289 9.72 8.80 6.47
N GLY C 290 9.95 8.36 5.24
CA GLY C 290 10.44 9.26 4.21
C GLY C 290 9.38 10.18 3.67
N ILE C 291 9.84 11.19 2.93
CA ILE C 291 8.97 12.16 2.27
C ILE C 291 8.90 11.81 0.78
N THR C 292 7.68 11.68 0.27
CA THR C 292 7.49 11.30 -1.12
C THR C 292 7.15 12.48 -2.03
N SER C 293 6.78 13.63 -1.46
CA SER C 293 6.37 14.77 -2.27
C SER C 293 6.46 16.04 -1.43
N VAL C 294 6.78 17.15 -2.08
CA VAL C 294 6.79 18.47 -1.46
C VAL C 294 6.13 19.46 -2.41
N SER C 295 5.60 20.53 -1.84
CA SER C 295 5.02 21.60 -2.65
C SER C 295 4.95 22.87 -1.80
N PHE C 296 4.83 24.00 -2.50
CA PHE C 296 4.75 25.31 -1.86
C PHE C 296 3.40 25.95 -2.15
N SER C 297 2.95 26.79 -1.22
CA SER C 297 1.74 27.57 -1.44
C SER C 297 2.06 28.74 -2.36
N LYS C 298 1.03 29.51 -2.71
CA LYS C 298 1.19 30.58 -3.70
C LYS C 298 2.17 31.64 -3.21
N SER C 299 2.07 32.04 -1.94
CA SER C 299 2.99 33.01 -1.39
C SER C 299 4.31 32.40 -0.91
N GLY C 300 4.37 31.07 -0.78
CA GLY C 300 5.56 30.42 -0.28
C GLY C 300 5.65 30.30 1.22
N ARG C 301 4.65 30.79 1.96
CA ARG C 301 4.71 30.74 3.42
C ARG C 301 4.50 29.32 3.94
N LEU C 302 3.66 28.54 3.28
CA LEU C 302 3.36 27.17 3.71
C LEU C 302 4.07 26.16 2.82
N LEU C 303 4.64 25.14 3.43
CA LEU C 303 5.26 24.04 2.71
C LEU C 303 4.50 22.77 3.02
N LEU C 304 3.98 22.10 1.99
CA LEU C 304 3.19 20.89 2.14
C LEU C 304 4.03 19.69 1.70
N ALA C 305 4.10 18.68 2.56
CA ALA C 305 4.92 17.50 2.29
C ALA C 305 4.12 16.24 2.57
N GLY C 306 4.11 15.32 1.60
CA GLY C 306 3.47 14.03 1.78
C GLY C 306 4.47 13.00 2.28
N TYR C 307 4.00 12.16 3.21
CA TYR C 307 4.85 11.21 3.90
C TYR C 307 4.40 9.79 3.61
N ASP C 308 5.25 8.83 4.00
CA ASP C 308 4.93 7.41 3.87
C ASP C 308 4.02 6.91 4.98
N ASP C 309 3.81 7.70 6.03
CA ASP C 309 2.93 7.36 7.13
C ASP C 309 1.46 7.67 6.85
N PHE C 310 1.11 7.81 5.58
CA PHE C 310 -0.25 7.98 5.03
C PHE C 310 -0.77 9.41 5.22
N ASN C 311 0.01 10.32 5.81
CA ASN C 311 -0.48 11.65 6.13
C ASN C 311 0.43 12.71 5.54
N CYS C 312 -0.13 13.90 5.34
CA CYS C 312 0.61 15.05 4.84
C CYS C 312 0.79 16.07 5.96
N ASN C 313 1.92 16.77 5.94
CA ASN C 313 2.24 17.78 6.94
C ASN C 313 2.40 19.13 6.28
N VAL C 314 1.82 20.16 6.89
CA VAL C 314 1.92 21.54 6.43
C VAL C 314 2.78 22.28 7.45
N TRP C 315 3.92 22.81 6.98
CA TRP C 315 4.88 23.50 7.81
C TRP C 315 4.87 24.99 7.49
N ASP C 316 5.17 25.79 8.50
CA ASP C 316 5.48 27.21 8.31
C ASP C 316 6.91 27.28 7.77
N ALA C 317 7.05 27.76 6.54
CA ALA C 317 8.36 27.75 5.88
C ALA C 317 9.37 28.61 6.63
N LEU C 318 8.94 29.79 7.09
CA LEU C 318 9.88 30.70 7.74
C LEU C 318 10.23 30.25 9.16
N LYS C 319 9.25 29.79 9.93
CA LYS C 319 9.47 29.43 11.32
C LYS C 319 9.72 27.94 11.55
N ALA C 320 9.61 27.12 10.51
CA ALA C 320 9.89 25.68 10.60
C ALA C 320 9.02 25.01 11.67
N ASP C 321 7.74 25.37 11.71
CA ASP C 321 6.78 24.81 12.64
C ASP C 321 5.64 24.16 11.88
N ARG C 322 5.23 22.97 12.33
CA ARG C 322 4.17 22.22 11.66
C ARG C 322 2.85 22.96 11.85
N ALA C 323 2.40 23.66 10.81
CA ALA C 323 1.17 24.43 10.90
C ALA C 323 -0.08 23.58 10.85
N GLY C 324 -0.01 22.37 10.31
CA GLY C 324 -1.20 21.55 10.23
C GLY C 324 -0.90 20.18 9.66
N VAL C 325 -1.94 19.36 9.60
CA VAL C 325 -1.85 18.00 9.08
C VAL C 325 -3.05 17.72 8.20
N LEU C 326 -2.81 17.07 7.07
CA LEU C 326 -3.84 16.56 6.18
C LEU C 326 -3.90 15.06 6.35
N ALA C 327 -5.01 14.57 6.88
CA ALA C 327 -5.21 13.15 7.12
C ALA C 327 -6.50 12.70 6.43
N GLY C 328 -6.54 11.42 6.05
CA GLY C 328 -7.69 10.91 5.34
C GLY C 328 -7.34 9.97 4.20
N HIS C 329 -6.06 9.65 4.04
CA HIS C 329 -5.61 8.69 3.04
C HIS C 329 -5.27 7.37 3.73
N ASP C 330 -5.78 6.27 3.18
CA ASP C 330 -5.60 4.96 3.78
C ASP C 330 -4.27 4.31 3.42
N ASN C 331 -3.46 4.95 2.58
CA ASN C 331 -2.14 4.46 2.25
C ASN C 331 -1.21 5.65 2.06
N ARG C 332 0.06 5.37 1.79
CA ARG C 332 1.06 6.43 1.74
C ARG C 332 0.75 7.40 0.61
N VAL C 333 0.99 8.68 0.87
CA VAL C 333 0.73 9.74 -0.09
C VAL C 333 1.86 9.74 -1.11
N SER C 334 1.56 9.39 -2.35
CA SER C 334 2.57 9.28 -3.39
C SER C 334 2.83 10.60 -4.10
N CYS C 335 1.81 11.41 -4.32
CA CYS C 335 1.96 12.64 -5.09
C CYS C 335 1.21 13.77 -4.42
N LEU C 336 1.67 14.99 -4.66
CA LEU C 336 1.12 16.17 -4.01
C LEU C 336 1.39 17.39 -4.88
N GLY C 337 0.38 18.22 -5.08
CA GLY C 337 0.53 19.40 -5.90
C GLY C 337 -0.36 20.52 -5.42
N VAL C 338 0.08 21.75 -5.68
CA VAL C 338 -0.65 22.96 -5.32
C VAL C 338 -1.00 23.70 -6.60
N THR C 339 -2.21 24.24 -6.65
CA THR C 339 -2.75 24.83 -7.86
C THR C 339 -2.02 26.13 -8.20
N ASP C 340 -2.10 26.53 -9.47
CA ASP C 340 -1.37 27.71 -9.93
C ASP C 340 -1.87 28.98 -9.25
N ASP C 341 -3.17 29.08 -8.98
CA ASP C 341 -3.72 30.21 -8.25
C ASP C 341 -3.76 29.95 -6.74
N GLY C 342 -3.29 28.79 -6.29
CA GLY C 342 -3.20 28.53 -4.86
C GLY C 342 -4.51 28.27 -4.16
N MET C 343 -5.55 27.90 -4.90
CA MET C 343 -6.88 27.74 -4.33
C MET C 343 -7.21 26.31 -3.93
N ALA C 344 -6.28 25.36 -4.06
CA ALA C 344 -6.55 23.98 -3.71
C ALA C 344 -5.24 23.20 -3.68
N VAL C 345 -5.25 22.10 -2.93
CA VAL C 345 -4.12 21.17 -2.88
C VAL C 345 -4.64 19.79 -3.26
N ALA C 346 -4.00 19.15 -4.22
CA ALA C 346 -4.37 17.80 -4.64
C ALA C 346 -3.35 16.81 -4.13
N THR C 347 -3.81 15.75 -3.47
CA THR C 347 -2.95 14.69 -2.97
C THR C 347 -3.43 13.35 -3.51
N GLY C 348 -2.50 12.57 -4.04
CA GLY C 348 -2.80 11.21 -4.49
C GLY C 348 -1.99 10.21 -3.69
N SER C 349 -2.63 9.11 -3.32
CA SER C 349 -2.02 8.11 -2.46
C SER C 349 -2.12 6.73 -3.11
N TRP C 350 -1.52 5.75 -2.45
CA TRP C 350 -1.59 4.35 -2.87
C TRP C 350 -2.96 3.74 -2.62
N ASP C 351 -3.85 4.46 -1.93
CA ASP C 351 -5.23 4.03 -1.72
C ASP C 351 -6.12 4.26 -2.94
N SER C 352 -5.54 4.56 -4.10
CA SER C 352 -6.23 4.71 -5.37
C SER C 352 -7.18 5.89 -5.40
N PHE C 353 -6.95 6.91 -4.59
CA PHE C 353 -7.83 8.07 -4.52
C PHE C 353 -7.04 9.36 -4.67
N LEU C 354 -7.69 10.36 -5.26
CA LEU C 354 -7.18 11.73 -5.30
C LEU C 354 -8.10 12.61 -4.48
N LYS C 355 -7.52 13.35 -3.54
CA LYS C 355 -8.29 14.22 -2.65
C LYS C 355 -7.85 15.66 -2.86
N ILE C 356 -8.84 16.55 -3.02
CA ILE C 356 -8.60 17.98 -3.13
C ILE C 356 -8.96 18.62 -1.80
N TRP C 357 -8.08 19.49 -1.33
CA TRP C 357 -8.18 20.09 0.01
C TRP C 357 -8.18 21.60 -0.11
N ASN C 358 -8.99 22.23 0.73
CA ASN C 358 -9.08 23.70 0.78
C ASN C 358 -9.18 24.20 2.21
N LEU D 15 35.35 15.60 -11.98
CA LEU D 15 34.78 16.07 -10.73
C LEU D 15 35.56 17.27 -10.17
N VAL D 16 36.85 17.33 -10.49
CA VAL D 16 37.69 18.44 -10.02
C VAL D 16 37.31 19.72 -10.73
N GLU D 17 37.10 19.66 -12.05
CA GLU D 17 36.72 20.85 -12.80
C GLU D 17 35.37 21.38 -12.34
N GLN D 18 34.41 20.48 -12.10
CA GLN D 18 33.11 20.92 -11.60
C GLN D 18 33.23 21.55 -10.22
N LEU D 19 34.08 21.00 -9.35
CA LEU D 19 34.29 21.59 -8.04
C LEU D 19 34.90 22.98 -8.16
N LYS D 20 35.87 23.15 -9.07
CA LYS D 20 36.44 24.47 -9.29
C LYS D 20 35.40 25.46 -9.79
N MET D 21 34.56 25.03 -10.75
CA MET D 21 33.53 25.91 -11.26
C MET D 21 32.53 26.29 -10.16
N GLU D 22 32.17 25.34 -9.30
CA GLU D 22 31.26 25.64 -8.20
C GLU D 22 31.90 26.55 -7.16
N ALA D 23 33.22 26.43 -6.96
CA ALA D 23 33.91 27.28 -6.00
C ALA D 23 34.24 28.67 -6.56
N ASN D 24 34.13 28.85 -7.87
CA ASN D 24 34.46 30.13 -8.51
C ASN D 24 33.26 31.05 -8.65
N ILE D 25 32.27 30.95 -7.76
CA ILE D 25 31.10 31.82 -7.81
C ILE D 25 31.01 32.63 -6.53
N ASP D 26 30.25 33.72 -6.60
CA ASP D 26 30.05 34.63 -5.48
C ASP D 26 28.78 34.27 -4.72
N ARG D 27 28.81 34.50 -3.41
CA ARG D 27 27.71 34.13 -2.52
C ARG D 27 27.18 35.34 -1.77
N ILE D 28 25.87 35.40 -1.62
CA ILE D 28 25.18 36.47 -0.90
C ILE D 28 24.97 36.00 0.54
N LYS D 29 25.12 36.93 1.49
CA LYS D 29 25.01 36.59 2.90
C LYS D 29 23.64 36.01 3.22
N VAL D 30 23.61 35.09 4.19
CA VAL D 30 22.37 34.39 4.54
C VAL D 30 21.32 35.36 5.04
N SER D 31 21.74 36.44 5.72
CA SER D 31 20.78 37.42 6.21
C SER D 31 19.99 38.04 5.07
N LYS D 32 20.66 38.38 3.97
CA LYS D 32 19.96 38.93 2.81
C LYS D 32 18.98 37.94 2.21
N ALA D 33 19.37 36.67 2.09
CA ALA D 33 18.47 35.67 1.55
C ALA D 33 17.23 35.50 2.42
N ALA D 34 17.41 35.44 3.74
CA ALA D 34 16.28 35.33 4.65
C ALA D 34 15.39 36.57 4.56
N ALA D 35 16.01 37.75 4.46
CA ALA D 35 15.23 38.98 4.36
C ALA D 35 14.39 39.01 3.10
N ASP D 36 14.95 38.60 1.96
CA ASP D 36 14.17 38.56 0.73
C ASP D 36 13.07 37.51 0.80
N LEU D 37 13.33 36.35 1.40
CA LEU D 37 12.28 35.36 1.56
C LEU D 37 11.13 35.90 2.41
N MET D 38 11.47 36.56 3.52
CA MET D 38 10.45 37.17 4.36
C MET D 38 9.68 38.24 3.60
N ALA D 39 10.39 39.07 2.83
CA ALA D 39 9.73 40.15 2.10
C ALA D 39 8.75 39.60 1.08
N TYR D 40 9.16 38.59 0.32
CA TYR D 40 8.24 37.99 -0.66
C TYR D 40 7.04 37.36 0.02
N CYS D 41 7.27 36.61 1.10
CA CYS D 41 6.16 35.95 1.79
C CYS D 41 5.17 36.98 2.35
N GLU D 42 5.68 38.02 3.00
CA GLU D 42 4.81 39.02 3.60
C GLU D 42 4.10 39.86 2.54
N ALA D 43 4.74 40.09 1.39
CA ALA D 43 4.09 40.87 0.35
C ALA D 43 3.03 40.07 -0.39
N HIS D 44 3.19 38.75 -0.51
CA HIS D 44 2.26 37.95 -1.27
C HIS D 44 1.28 37.16 -0.39
N ALA D 45 1.38 37.28 0.93
CA ALA D 45 0.43 36.59 1.80
C ALA D 45 -0.99 37.14 1.69
N LYS D 46 -1.17 38.32 1.10
CA LYS D 46 -2.51 38.90 0.98
C LYS D 46 -3.36 38.10 0.00
N GLU D 47 -2.77 37.53 -1.03
CA GLU D 47 -3.48 36.78 -2.06
C GLU D 47 -3.13 35.30 -2.03
N ASP D 48 -3.01 34.73 -0.84
CA ASP D 48 -2.77 33.30 -0.69
C ASP D 48 -4.04 32.66 -0.11
N PRO D 49 -4.81 31.92 -0.91
CA PRO D 49 -6.07 31.36 -0.41
C PRO D 49 -5.89 30.37 0.73
N LEU D 50 -4.73 29.75 0.87
CA LEU D 50 -4.51 28.77 1.93
C LEU D 50 -3.97 29.42 3.19
N GLN E 1 26.84 16.35 3.53
CA GLN E 1 27.83 15.57 2.79
C GLN E 1 28.20 14.30 3.55
N VAL E 2 27.70 13.16 3.08
CA VAL E 2 27.97 11.88 3.71
C VAL E 2 29.38 11.45 3.36
N GLN E 3 30.20 11.17 4.38
CA GLN E 3 31.59 10.80 4.18
C GLN E 3 31.91 9.56 5.00
N LEU E 4 32.60 8.61 4.37
CA LEU E 4 33.08 7.39 5.04
C LEU E 4 34.54 7.22 4.68
N GLN E 5 35.41 7.21 5.69
CA GLN E 5 36.85 7.10 5.48
C GLN E 5 37.36 5.82 6.14
N GLU E 6 38.03 4.98 5.35
CA GLU E 6 38.52 3.70 5.82
C GLU E 6 40.02 3.78 6.11
N SER E 7 40.44 3.12 7.18
CA SER E 7 41.84 3.08 7.58
C SER E 7 42.21 1.65 7.97
N GLY E 8 43.46 1.29 7.69
CA GLY E 8 43.95 -0.04 8.01
C GLY E 8 44.25 -0.86 6.77
N GLY E 9 45.45 -1.44 6.72
CA GLY E 9 45.86 -2.24 5.58
C GLY E 9 47.25 -2.80 5.69
N SER E 17 46.78 -10.33 11.26
CA SER E 17 45.63 -9.70 11.93
C SER E 17 45.59 -8.20 11.63
N LEU E 18 44.38 -7.69 11.43
CA LEU E 18 44.17 -6.28 11.13
C LEU E 18 42.95 -5.78 11.87
N ARG E 19 42.87 -4.45 12.00
CA ARG E 19 41.90 -3.73 12.83
C ARG E 19 41.24 -2.62 12.01
N LEU E 20 40.68 -3.00 10.86
CA LEU E 20 40.14 -2.01 9.93
C LEU E 20 39.15 -1.10 10.63
N SER E 21 39.27 0.21 10.37
CA SER E 21 38.39 1.20 10.96
C SER E 21 37.72 2.00 9.87
N CYS E 22 36.53 2.51 10.17
CA CYS E 22 35.78 3.34 9.25
C CYS E 22 35.15 4.49 10.03
N ALA E 23 35.60 5.70 9.75
CA ALA E 23 35.07 6.90 10.38
C ALA E 23 33.96 7.47 9.50
N ALA E 24 32.82 7.77 10.10
CA ALA E 24 31.64 8.22 9.39
C ALA E 24 31.30 9.65 9.79
N SER E 25 30.79 10.41 8.82
CA SER E 25 30.35 11.78 9.08
C SER E 25 29.27 12.15 8.07
N GLY E 26 28.54 13.21 8.38
CA GLY E 26 27.47 13.68 7.53
C GLY E 26 26.14 13.02 7.73
N PHE E 27 26.01 12.12 8.71
CA PHE E 27 24.74 11.48 9.00
C PHE E 27 24.77 10.97 10.44
N THR E 28 23.58 10.67 10.96
CA THR E 28 23.45 10.15 12.31
C THR E 28 23.88 8.69 12.31
N PHE E 29 25.06 8.41 12.87
CA PHE E 29 25.61 7.07 12.82
C PHE E 29 24.72 6.06 13.54
N SER E 30 24.18 6.44 14.71
CA SER E 30 23.35 5.52 15.47
C SER E 30 21.92 5.55 14.96
N ASN E 31 21.75 5.44 13.64
CA ASN E 31 20.43 5.30 13.04
C ASN E 31 20.45 4.37 11.84
N TYR E 32 21.58 3.77 11.51
CA TYR E 32 21.76 3.05 10.26
C TYR E 32 22.42 1.69 10.54
N LYS E 33 22.24 0.78 9.58
CA LYS E 33 22.86 -0.53 9.63
C LYS E 33 24.10 -0.53 8.75
N MET E 34 25.23 -0.92 9.32
CA MET E 34 26.51 -0.85 8.64
C MET E 34 26.92 -2.21 8.09
N ASN E 35 27.72 -2.17 7.02
CA ASN E 35 28.18 -3.39 6.38
C ASN E 35 29.66 -3.26 6.04
N TRP E 36 30.34 -4.40 5.95
CA TRP E 36 31.70 -4.49 5.45
C TRP E 36 31.68 -5.32 4.18
N VAL E 37 32.24 -4.77 3.11
CA VAL E 37 32.24 -5.36 1.78
C VAL E 37 33.68 -5.36 1.27
N ARG E 38 33.98 -6.25 0.31
CA ARG E 38 35.30 -6.22 -0.31
C ARG E 38 35.16 -6.37 -1.82
N GLN E 39 36.22 -5.96 -2.51
CA GLN E 39 36.39 -6.23 -3.94
C GLN E 39 37.74 -6.91 -4.10
N ALA E 40 37.73 -8.17 -4.54
CA ALA E 40 38.95 -8.90 -4.80
C ALA E 40 39.43 -8.62 -6.22
N PRO E 41 40.73 -8.74 -6.47
CA PRO E 41 41.25 -8.52 -7.83
C PRO E 41 40.61 -9.47 -8.83
N GLY E 42 40.22 -8.92 -9.98
CA GLY E 42 39.59 -9.70 -11.01
C GLY E 42 38.25 -10.28 -10.64
N LYS E 43 37.56 -9.68 -9.66
CA LYS E 43 36.27 -10.18 -9.20
C LYS E 43 35.35 -8.99 -8.96
N GLY E 44 34.20 -9.26 -8.35
CA GLY E 44 33.23 -8.24 -8.01
C GLY E 44 33.19 -7.95 -6.52
N LEU E 45 32.28 -7.05 -6.16
CA LEU E 45 32.12 -6.66 -4.77
C LEU E 45 31.39 -7.75 -4.00
N GLU E 46 31.96 -8.17 -2.88
CA GLU E 46 31.41 -9.26 -2.08
C GLU E 46 31.15 -8.78 -0.66
N TRP E 47 30.02 -9.20 -0.10
CA TRP E 47 29.60 -8.77 1.23
C TRP E 47 30.30 -9.64 2.28
N VAL E 48 31.02 -8.99 3.20
CA VAL E 48 31.73 -9.69 4.25
C VAL E 48 30.84 -9.82 5.48
N SER E 49 30.47 -8.68 6.05
CA SER E 49 29.82 -8.70 7.35
C SER E 49 28.78 -7.60 7.42
N ASP E 50 27.96 -7.66 8.46
CA ASP E 50 26.83 -6.76 8.63
C ASP E 50 26.52 -6.62 10.11
N ILE E 51 26.29 -5.38 10.56
CA ILE E 51 25.91 -5.11 11.93
C ILE E 51 24.78 -4.10 11.93
N SER E 52 23.82 -4.30 12.83
CA SER E 52 22.63 -3.46 12.90
C SER E 52 22.97 -2.15 13.61
N GLN E 53 21.94 -1.38 13.94
CA GLN E 53 22.11 -0.03 14.48
C GLN E 53 22.24 0.01 16.00
N SER E 54 22.14 -1.14 16.68
CA SER E 54 22.18 -1.13 18.14
C SER E 54 23.00 -2.30 18.69
N GLY E 55 24.00 -2.75 17.94
CA GLY E 55 24.74 -3.92 18.37
C GLY E 55 23.94 -5.20 18.39
N ALA E 56 22.80 -5.22 17.71
CA ALA E 56 21.92 -6.40 17.64
C ALA E 56 22.47 -7.39 16.62
N SER E 57 21.61 -8.33 16.20
CA SER E 57 21.99 -9.46 15.36
C SER E 57 23.04 -9.10 14.32
N ILE E 58 24.10 -9.90 14.28
CA ILE E 58 25.25 -9.68 13.42
C ILE E 58 25.35 -10.84 12.44
N SER E 59 25.64 -10.53 11.18
CA SER E 59 25.77 -11.54 10.13
C SER E 59 27.18 -11.54 9.58
N TYR E 60 27.67 -12.73 9.20
CA TYR E 60 28.95 -12.87 8.54
C TYR E 60 28.78 -13.74 7.30
N THR E 61 29.70 -13.58 6.36
CA THR E 61 29.72 -14.45 5.20
C THR E 61 30.40 -15.77 5.55
N GLY E 62 30.17 -16.78 4.71
CA GLY E 62 30.66 -18.11 5.01
C GLY E 62 32.17 -18.20 5.03
N SER E 63 32.84 -17.52 4.10
CA SER E 63 34.28 -17.64 3.96
C SER E 63 35.04 -17.12 5.17
N VAL E 64 34.47 -16.19 5.93
CA VAL E 64 35.13 -15.59 7.08
C VAL E 64 34.37 -15.85 8.38
N LYS E 65 33.37 -16.75 8.36
CA LYS E 65 32.57 -17.00 9.54
C LYS E 65 33.43 -17.53 10.68
N GLY E 66 33.25 -16.95 11.87
CA GLY E 66 34.01 -17.33 13.03
C GLY E 66 35.41 -16.76 13.12
N ARG E 67 35.96 -16.26 12.01
CA ARG E 67 37.32 -15.74 12.00
C ARG E 67 37.37 -14.22 12.10
N PHE E 68 36.36 -13.53 11.58
CA PHE E 68 36.31 -12.07 11.62
C PHE E 68 35.27 -11.62 12.64
N THR E 69 35.39 -10.37 13.06
CA THR E 69 34.43 -9.77 13.99
C THR E 69 34.17 -8.32 13.58
N ILE E 70 32.98 -7.83 13.91
CA ILE E 70 32.57 -6.47 13.57
C ILE E 70 32.00 -5.80 14.81
N SER E 71 32.26 -4.51 14.94
CA SER E 71 31.75 -3.71 16.05
C SER E 71 31.47 -2.30 15.57
N ARG E 72 30.66 -1.58 16.34
CA ARG E 72 30.38 -0.19 16.02
C ARG E 72 30.35 0.63 17.30
N ASP E 73 31.00 1.79 17.25
CA ASP E 73 31.01 2.76 18.34
C ASP E 73 30.13 3.92 17.90
N ASN E 74 28.88 3.93 18.36
CA ASN E 74 27.94 4.97 17.98
C ASN E 74 28.35 6.33 18.53
N ALA E 75 28.83 6.35 19.78
CA ALA E 75 29.31 7.61 20.36
C ALA E 75 30.50 8.16 19.59
N LYS E 76 31.43 7.30 19.21
CA LYS E 76 32.57 7.71 18.39
C LYS E 76 32.25 7.70 16.92
N ASN E 77 31.09 7.17 16.52
CA ASN E 77 30.67 7.11 15.12
C ASN E 77 31.71 6.42 14.25
N THR E 78 32.13 5.24 14.68
CA THR E 78 33.14 4.46 13.98
C THR E 78 32.68 3.02 13.82
N LEU E 79 33.20 2.36 12.79
CA LEU E 79 32.89 0.96 12.51
C LEU E 79 34.20 0.18 12.43
N TYR E 80 34.33 -0.86 13.25
CA TYR E 80 35.56 -1.62 13.36
C TYR E 80 35.35 -3.03 12.83
N LEU E 81 36.38 -3.55 12.14
CA LEU E 81 36.41 -4.92 11.66
C LEU E 81 37.73 -5.53 12.06
N GLN E 82 37.69 -6.52 12.96
CA GLN E 82 38.86 -7.24 13.38
C GLN E 82 38.99 -8.53 12.57
N MET E 83 40.15 -8.72 11.95
CA MET E 83 40.40 -9.90 11.13
C MET E 83 41.65 -10.61 11.63
N ASN E 84 41.56 -11.92 11.79
CA ASN E 84 42.70 -12.72 12.22
C ASN E 84 42.48 -14.20 11.91
N ASP E 90 41.40 -12.65 2.60
CA ASP E 90 42.21 -12.63 1.38
C ASP E 90 42.50 -11.19 0.95
N THR E 91 43.39 -11.04 -0.02
CA THR E 91 43.79 -9.72 -0.50
C THR E 91 42.65 -9.08 -1.28
N ALA E 92 42.19 -7.92 -0.83
CA ALA E 92 41.08 -7.22 -1.47
C ALA E 92 41.04 -5.79 -0.97
N VAL E 93 40.23 -4.98 -1.64
CA VAL E 93 39.95 -3.61 -1.21
C VAL E 93 38.67 -3.63 -0.40
N TYR E 94 38.76 -3.22 0.86
CA TYR E 94 37.63 -3.29 1.78
C TYR E 94 36.93 -1.94 1.88
N TYR E 95 35.60 -1.98 1.92
CA TYR E 95 34.76 -0.80 2.00
C TYR E 95 33.80 -0.96 3.16
N CYS E 96 33.49 0.16 3.82
CA CYS E 96 32.41 0.22 4.79
C CYS E 96 31.20 0.86 4.11
N ALA E 97 30.09 0.16 4.09
CA ALA E 97 28.90 0.59 3.39
C ALA E 97 27.77 0.86 4.37
N ARG E 98 26.88 1.75 3.98
CA ARG E 98 25.76 2.19 4.81
C ARG E 98 24.45 1.76 4.15
N CYS E 99 23.48 1.38 4.97
CA CYS E 99 22.14 1.13 4.45
C CYS E 99 21.58 2.43 3.86
N PRO E 100 20.83 2.35 2.77
CA PRO E 100 20.34 3.59 2.13
C PRO E 100 19.47 4.45 3.03
N ALA E 101 18.67 3.84 3.90
CA ALA E 101 17.71 4.56 4.72
C ALA E 101 17.84 4.15 6.17
N PRO E 102 17.49 5.03 7.10
CA PRO E 102 17.55 4.66 8.52
C PRO E 102 16.33 3.88 8.97
N PHE E 103 16.51 3.14 10.06
CA PHE E 103 15.45 2.35 10.69
C PHE E 103 14.94 1.23 9.78
N THR E 104 15.79 0.75 8.87
CA THR E 104 15.43 -0.35 7.99
C THR E 104 16.41 -1.50 8.19
N PRO E 105 15.93 -2.72 8.45
CA PRO E 105 16.82 -3.87 8.65
C PRO E 105 17.19 -4.58 7.35
N PHE E 106 17.60 -3.82 6.34
CA PHE E 106 18.00 -4.40 5.06
C PHE E 106 18.84 -3.39 4.30
N CYS E 107 20.10 -3.74 4.04
CA CYS E 107 20.94 -2.99 3.12
C CYS E 107 20.80 -3.59 1.74
N PHE E 108 20.27 -2.81 0.80
CA PHE E 108 19.85 -3.32 -0.51
C PHE E 108 20.96 -3.29 -1.55
N ASP E 109 21.51 -2.10 -1.84
CA ASP E 109 22.41 -1.91 -2.96
C ASP E 109 23.85 -1.66 -2.51
N VAL E 110 24.23 -2.22 -1.36
CA VAL E 110 25.56 -1.93 -0.81
C VAL E 110 26.66 -2.51 -1.71
N THR E 111 26.44 -3.70 -2.26
CA THR E 111 27.40 -4.33 -3.16
C THR E 111 27.10 -4.02 -4.62
N SER E 112 26.96 -2.73 -4.95
CA SER E 112 26.68 -2.27 -6.29
C SER E 112 27.91 -1.62 -6.88
N THR E 113 28.01 -1.64 -8.22
CA THR E 113 29.21 -1.14 -8.87
C THR E 113 29.42 0.34 -8.60
N THR E 114 28.34 1.10 -8.36
CA THR E 114 28.42 2.53 -8.04
C THR E 114 27.39 2.80 -6.95
N TYR E 115 27.84 2.72 -5.70
CA TYR E 115 27.00 2.97 -4.54
C TYR E 115 27.41 4.30 -3.90
N ALA E 116 26.42 5.14 -3.61
CA ALA E 116 26.71 6.50 -3.16
C ALA E 116 27.17 6.54 -1.72
N TYR E 117 26.68 5.64 -0.87
CA TYR E 117 26.95 5.67 0.56
C TYR E 117 27.99 4.64 0.97
N ARG E 118 29.01 4.45 0.13
CA ARG E 118 30.11 3.54 0.40
C ARG E 118 31.41 4.31 0.36
N GLY E 119 32.37 3.91 1.22
CA GLY E 119 33.63 4.60 1.32
C GLY E 119 34.56 4.30 0.15
N GLN E 120 35.77 4.87 0.25
CA GLN E 120 36.78 4.69 -0.80
C GLN E 120 37.52 3.36 -0.68
N GLY E 121 37.57 2.76 0.51
CA GLY E 121 38.17 1.47 0.69
C GLY E 121 39.66 1.53 1.02
N THR E 122 40.15 0.44 1.61
CA THR E 122 41.55 0.27 1.95
C THR E 122 42.03 -1.08 1.45
N GLN E 123 43.26 -1.12 0.93
CA GLN E 123 43.81 -2.36 0.40
C GLN E 123 44.34 -3.25 1.51
N VAL E 124 44.10 -4.55 1.40
CA VAL E 124 44.62 -5.54 2.34
C VAL E 124 45.26 -6.65 1.51
N THR E 125 46.54 -6.91 1.77
CA THR E 125 47.28 -7.97 1.09
C THR E 125 47.79 -8.97 2.12
N VAL E 126 47.47 -10.24 1.90
CA VAL E 126 47.90 -11.29 2.81
C VAL E 126 48.79 -12.29 2.07
C10 87Q F . -35.55 -8.32 18.50
C13 87Q F . -38.61 -8.17 19.80
C15 87Q F . -41.01 -7.81 20.19
C17 87Q F . -42.05 -9.25 21.99
C22 87Q F . -37.58 -6.15 20.88
C24 87Q F . -36.13 -5.79 21.25
C01 87Q F . -39.00 -13.47 14.34
C02 87Q F . -38.46 -12.12 14.87
C03 87Q F . -37.15 -12.29 15.68
C04 87Q F . -36.70 -10.96 16.35
C05 87Q F . -35.23 -10.62 16.00
C06 87Q F . -34.88 -9.15 16.30
C07 87Q F . -36.03 -8.24 15.87
C09 87Q F . -34.59 -8.98 17.81
C11 87Q F . -36.08 -7.75 19.82
C12 87Q F . -37.50 -7.12 19.68
C14 87Q F . -39.97 -7.52 19.37
C16 87Q F . -40.71 -8.73 21.40
C18 87Q F . -42.36 -8.58 23.35
C19 87Q F . -42.17 -9.56 24.52
C25 87Q F . -35.23 -6.55 20.24
O08 87Q F . -33.74 -8.79 15.58
O20 87Q F . -42.99 -9.56 25.48
O21 87Q F . -41.18 -10.34 24.52
O23 87Q F . -38.22 -6.81 22.00
O26 87Q F . -34.05 -6.98 20.86
#